data_8ATT
#
_entry.id   8ATT
#
_cell.length_a   1.00
_cell.length_b   1.00
_cell.length_c   1.00
_cell.angle_alpha   90.00
_cell.angle_beta   90.00
_cell.angle_gamma   90.00
#
_symmetry.space_group_name_H-M   'P 1'
#
loop_
_entity.id
_entity.type
_entity.pdbx_description
1 polymer 'Mitochondrial transcription factor 1'
2 polymer 'DNA-directed RNA polymerase, mitochondrial'
3 polymer 'Non-template DNA (33-MER)'
4 polymer 'Template DNA (33-MER)'
5 polymer 'RNA (pppGpGpUpA)'
6 non-polymer "GUANOSINE-5'-TRIPHOSPHATE"
#
loop_
_entity_poly.entity_id
_entity_poly.type
_entity_poly.pdbx_seq_one_letter_code
_entity_poly.pdbx_strand_id
1 'polypeptide(L)'
;MGGSHHHHHHGMASSVPIPGIKDISKLKFFYGFKYLWNPTVYNKIFDKLDLTKTYKHPEELKVLDLYPGVGIQSAIFYNK
YCPRQYSLLEKRSSLYKFLNAKFEGSPLQILKRDPYDWSTYSNLIDEERIFVPEVQSSDHINDKFLTVANVTGEGSEGLI
MQWLSCIGNKNWLYRFGKVKMLLWMPSTTARKLLARPGMHSRSKCSVVREAFTDTKLIAISDANELKGFDSQCIEEWDPI
LFSAAEIWPTKGKPIALVEMDPIDFDFDVDNWDYVTRHLMILKRTPLNTVMDSLGHGGQQYFNSRITDKDLLKKCPIDLT
NDEFIYLTKLFMEWPFKPDILMDFVDMYQTEHSG
;
B
2 'polypeptide(L)'
;GAMGSGIQRPSAVTSMTRTRDVMQLWSLLEACLQSNLMKRAFSILESLYLVPEHKQRFIEDYNMYLNSFSKNDPNFPILK
MNEKLTNDLETSFKDVNYNDKTLAIMIHHALNFHSTTSSMLLKPIISAYLKMSVNGIREIFSCLDILTISDLNILMNDLK
VITPSQLPNSVRPILESLTLSPTPVNNIENEEGLNKVEAENDSKLHKASNASSDSIKKPSLDPLREVSFHGSTEVLSKDA
EKLIAVDTIGMRVIRHTLLGLSLTPEQKEQISKFKFDANDNVLKMKPTKNDDNNNSINFFEIYNSLPTLEEKKAFESALN
IFNQDRQKVLENRATEAARERWKHDFEEAKARGDISIEKNLNVKLWKWYNEMLPLVKEEINHCRSLLSEKLSDKKGLNKV
DTNRLGYGPYLTLIDPGKMCVITILELLKLNSTGGVIEGMRTARAVISVGKAIEMEFRSEQVLKSESQAFRDVNKKSPEF
KKLVQNAKSVFRSSQIEQSKILWPQSIRARIGSVLISMLIQVAKVSVQGVDPVTKAKVHGEAPAFAHGYQYHNGSKLGVL
KIHKTLIRQLNGERLIASVQPQLLPMLVEPKPWVNWRSGGYHYTQSTLLRTKDSPEQVAYLKAASDNGDIDRVYDGLNVL
GRTPWTVNRKVFDVVSQVWNKGEGFLDIPGAQDEMVLPPAPPKNSDPSILRAWKLQVKTIANKFSSDRSNRCDTNYKLEI
ARAFLGEKLYFPHNLDFRGRAYPLSPHFNHLGNDMSRGLLIFWHGKKLGPSGLKWLKIHLSNLFGFDKLPLKDRVAFTES
HLQDIKDSAENPLTGDRWWTTADKPWQALATCFELNEVMKMDNPEEFISHQPVHQDGTCNGLQHYAALGGDVEGATQVNL
VPSDKPQDVYAHVARLVQKRLEIAAEKGDENAKILKDKITRKVVKQTVMTNVYGVTYVGATFQIAKQLSPIFDDRKESLD
FSKYLTKHVFSAIRELFHSAHLIQDWLGESAKRISKSIRLDVDEKSFKNGNKPDFMSSVIWTTPLGLPIVQPYREESKKQ
VETNLQTVFISDPFAVNPVNARRQKAGLPPNFIHSLDASHMLLSAAECGKQGLDFASVHDSYWTHASDIDTMNVVLREQF
IKLHEVDLVLRLKEEFDQRYKNYVKIGKLKRSTDLAQKIIRIRKDLSRKLGRSTTLADEIYFEKKRQELLNSPLIEDRNV
GEKMVTTVSLFEDITDLDALELENGGDENSGMSVLLPLRLPEIPPKGDFDVTVLRNSQYFFS
;
A
3 'polydeoxyribonucleotide'
;(DC)(DG)(DA)(DA)(DT)(DA)(DA)(DG)(DT)(DA)(DT)(DT)(DG)(DA)(DT)(DA)(DT)(DA)(DA)(DG)
(DT)(DA)(DA)(DT)(DA)(DG)(DA)(DT)(DA)(DA)(DT)(DG)(DC)
;
N
4 'polydeoxyribonucleotide'
;(DG)(DC)(DA)(DT)(DT)(DA)(DT)(DC)(DT)(DA)(DC)(DC)(DG)(DA)(DC)(DA)(DA)(DT)(DA)(DT)
(DC)(DA)(DA)(DT)(DA)(DC)(DT)(DT)(DA)(DT)(DT)(DC)(DG)
;
T
5 'polyribonucleotide' GUA C
#
# COMPACT_ATOMS: atom_id res chain seq x y z
N SER A 15 -38.78 2.01 -45.11
CA SER A 15 -40.12 2.36 -44.65
C SER A 15 -40.21 2.30 -43.14
N VAL A 16 -39.06 2.28 -42.47
CA VAL A 16 -39.01 2.24 -41.01
C VAL A 16 -39.38 3.60 -40.46
N PRO A 17 -40.03 3.67 -39.29
CA PRO A 17 -40.47 4.98 -38.75
C PRO A 17 -39.32 5.71 -38.07
N ILE A 18 -38.98 6.88 -38.60
CA ILE A 18 -37.93 7.70 -37.99
C ILE A 18 -38.46 8.29 -36.69
N PRO A 19 -37.77 8.14 -35.57
CA PRO A 19 -38.25 8.71 -34.31
C PRO A 19 -38.11 10.23 -34.29
N GLY A 20 -38.82 10.84 -33.34
CA GLY A 20 -38.89 12.28 -33.24
C GLY A 20 -38.31 12.82 -31.95
N ILE A 21 -38.22 14.15 -31.90
CA ILE A 21 -37.65 14.82 -30.74
C ILE A 21 -38.52 14.58 -29.50
N LYS A 22 -39.84 14.53 -29.70
CA LYS A 22 -40.73 14.27 -28.57
C LYS A 22 -40.51 12.87 -27.98
N ASP A 23 -40.23 11.88 -28.83
CA ASP A 23 -39.92 10.55 -28.32
C ASP A 23 -38.53 10.49 -27.70
N ILE A 24 -37.57 11.25 -28.23
CA ILE A 24 -36.24 11.29 -27.63
C ILE A 24 -36.31 11.92 -26.23
N SER A 25 -37.09 12.98 -26.08
CA SER A 25 -37.20 13.66 -24.80
C SER A 25 -37.85 12.77 -23.74
N LYS A 26 -38.65 11.79 -24.16
CA LYS A 26 -39.28 10.89 -23.21
C LYS A 26 -38.27 10.03 -22.47
N LEU A 27 -37.15 9.71 -23.12
CA LEU A 27 -36.14 8.88 -22.49
C LEU A 27 -35.51 9.60 -21.30
N LYS A 28 -35.14 8.81 -20.29
CA LYS A 28 -34.72 9.34 -18.99
C LYS A 28 -33.21 9.28 -18.79
N PHE A 29 -32.61 8.11 -19.01
CA PHE A 29 -31.18 7.90 -18.77
C PHE A 29 -30.45 7.80 -20.10
N PHE A 30 -29.35 8.54 -20.22
CA PHE A 30 -28.50 8.47 -21.40
C PHE A 30 -27.06 8.08 -21.08
N TYR A 31 -26.66 8.09 -19.80
CA TYR A 31 -25.35 7.63 -19.37
C TYR A 31 -24.23 8.43 -20.04
N GLY A 32 -24.50 9.71 -20.32
CA GLY A 32 -23.54 10.57 -20.95
C GLY A 32 -23.48 10.50 -22.45
N PHE A 33 -24.26 9.62 -23.07
CA PHE A 33 -24.26 9.47 -24.52
C PHE A 33 -25.15 10.53 -25.15
N LYS A 34 -24.63 11.19 -26.17
CA LYS A 34 -25.32 12.28 -26.85
C LYS A 34 -25.49 11.92 -28.33
N TYR A 35 -26.67 12.17 -28.86
CA TYR A 35 -27.03 11.71 -30.20
C TYR A 35 -27.52 12.87 -31.05
N LEU A 36 -27.09 12.90 -32.30
CA LEU A 36 -27.60 13.87 -33.27
C LEU A 36 -28.93 13.38 -33.80
N TRP A 37 -29.93 14.28 -33.86
CA TRP A 37 -31.29 13.88 -34.20
C TRP A 37 -31.88 14.59 -35.40
N ASN A 38 -31.10 15.36 -36.15
CA ASN A 38 -31.66 16.13 -37.27
C ASN A 38 -31.60 15.30 -38.54
N PRO A 39 -32.74 14.90 -39.11
CA PRO A 39 -32.71 14.12 -40.35
C PRO A 39 -32.05 14.84 -41.52
N THR A 40 -32.18 16.16 -41.61
CA THR A 40 -31.51 16.88 -42.68
C THR A 40 -30.00 16.80 -42.55
N VAL A 41 -29.49 16.97 -41.33
CA VAL A 41 -28.05 16.85 -41.11
C VAL A 41 -27.58 15.43 -41.39
N TYR A 42 -28.38 14.44 -41.00
CA TYR A 42 -28.03 13.06 -41.31
C TYR A 42 -27.99 12.80 -42.81
N ASN A 43 -28.95 13.35 -43.55
CA ASN A 43 -28.96 13.19 -45.00
C ASN A 43 -27.73 13.85 -45.62
N LYS A 44 -27.37 15.03 -45.14
CA LYS A 44 -26.16 15.69 -45.63
C LYS A 44 -24.92 14.86 -45.32
N ILE A 45 -24.85 14.30 -44.12
CA ILE A 45 -23.70 13.48 -43.74
C ILE A 45 -23.59 12.25 -44.63
N PHE A 46 -24.72 11.59 -44.89
CA PHE A 46 -24.70 10.40 -45.74
C PHE A 46 -24.33 10.76 -47.18
N ASP A 47 -24.82 11.91 -47.67
CA ASP A 47 -24.44 12.35 -49.00
C ASP A 47 -22.95 12.64 -49.09
N LYS A 48 -22.38 13.26 -48.05
CA LYS A 48 -20.94 13.49 -48.02
C LYS A 48 -20.16 12.18 -47.99
N LEU A 49 -20.64 11.22 -47.20
CA LEU A 49 -19.95 9.93 -47.10
C LEU A 49 -19.96 9.19 -48.43
N ASP A 50 -21.12 9.15 -49.09
CA ASP A 50 -21.29 8.43 -50.36
C ASP A 50 -20.80 6.98 -50.23
N LEU A 51 -21.46 6.25 -49.33
CA LEU A 51 -21.06 4.87 -49.06
C LEU A 51 -21.35 3.95 -50.23
N THR A 52 -22.25 4.33 -51.14
CA THR A 52 -22.52 3.51 -52.31
C THR A 52 -21.30 3.42 -53.22
N LYS A 53 -20.42 4.42 -53.16
CA LYS A 53 -19.21 4.40 -53.98
C LYS A 53 -18.32 3.23 -53.60
N THR A 54 -18.08 3.03 -52.30
CA THR A 54 -17.23 1.93 -51.86
C THR A 54 -17.92 0.59 -52.04
N TYR A 55 -19.19 0.49 -51.65
CA TYR A 55 -19.95 -0.75 -51.75
C TYR A 55 -20.82 -0.68 -52.99
N LYS A 56 -20.36 -1.32 -54.08
CA LYS A 56 -21.09 -1.27 -55.33
C LYS A 56 -22.45 -1.94 -55.21
N HIS A 57 -22.58 -2.92 -54.32
CA HIS A 57 -23.84 -3.62 -54.10
C HIS A 57 -24.17 -3.59 -52.61
N PRO A 58 -24.66 -2.46 -52.10
CA PRO A 58 -25.07 -2.39 -50.69
C PRO A 58 -26.38 -3.09 -50.40
N GLU A 59 -27.07 -3.60 -51.42
CA GLU A 59 -28.33 -4.29 -51.18
C GLU A 59 -28.11 -5.58 -50.38
N GLU A 60 -26.99 -6.26 -50.63
CA GLU A 60 -26.64 -7.47 -49.91
C GLU A 60 -25.75 -7.20 -48.70
N LEU A 61 -25.41 -5.94 -48.45
CA LEU A 61 -24.51 -5.61 -47.37
C LEU A 61 -25.17 -5.84 -46.02
N LYS A 62 -24.38 -6.28 -45.04
CA LYS A 62 -24.82 -6.48 -43.67
C LYS A 62 -24.04 -5.51 -42.77
N VAL A 63 -24.77 -4.81 -41.90
CA VAL A 63 -24.18 -3.76 -41.08
C VAL A 63 -24.51 -4.03 -39.62
N LEU A 64 -23.54 -3.79 -38.74
CA LEU A 64 -23.68 -3.94 -37.30
C LEU A 64 -23.46 -2.60 -36.63
N ASP A 65 -24.21 -2.34 -35.56
CA ASP A 65 -24.15 -1.08 -34.84
C ASP A 65 -23.76 -1.32 -33.38
N LEU A 66 -22.81 -0.54 -32.88
CA LEU A 66 -22.40 -0.58 -31.49
C LEU A 66 -22.93 0.66 -30.77
N TYR A 67 -23.65 0.45 -29.69
CA TYR A 67 -24.29 1.52 -28.93
C TYR A 67 -25.20 2.36 -29.84
N PRO A 68 -26.28 1.78 -30.37
CA PRO A 68 -27.13 2.54 -31.30
C PRO A 68 -27.82 3.71 -30.63
N GLY A 69 -28.51 3.44 -29.52
CA GLY A 69 -29.19 4.49 -28.78
C GLY A 69 -30.54 4.86 -29.35
N VAL A 70 -30.64 6.07 -29.92
CA VAL A 70 -31.92 6.54 -30.45
C VAL A 70 -32.34 5.73 -31.67
N GLY A 71 -31.37 5.32 -32.49
CA GLY A 71 -31.66 4.56 -33.69
C GLY A 71 -32.01 5.38 -34.91
N ILE A 72 -31.90 6.71 -34.82
CA ILE A 72 -32.20 7.56 -35.97
C ILE A 72 -31.28 7.23 -37.13
N GLN A 73 -29.99 7.10 -36.84
CA GLN A 73 -29.01 6.81 -37.88
C GLN A 73 -29.29 5.45 -38.51
N SER A 74 -29.63 4.46 -37.69
CA SER A 74 -29.95 3.13 -38.23
C SER A 74 -31.16 3.18 -39.13
N ALA A 75 -32.22 3.87 -38.70
CA ALA A 75 -33.43 3.96 -39.52
C ALA A 75 -33.15 4.67 -40.83
N ILE A 76 -32.40 5.77 -40.78
CA ILE A 76 -32.10 6.52 -42.00
C ILE A 76 -31.23 5.70 -42.94
N PHE A 77 -30.24 4.99 -42.39
CA PHE A 77 -29.38 4.14 -43.21
C PHE A 77 -30.19 3.06 -43.90
N TYR A 78 -31.07 2.40 -43.16
CA TYR A 78 -31.88 1.34 -43.77
C TYR A 78 -32.80 1.91 -44.84
N ASN A 79 -33.44 3.07 -44.56
CA ASN A 79 -34.32 3.67 -45.55
C ASN A 79 -33.56 4.04 -46.81
N LYS A 80 -32.34 4.56 -46.67
CA LYS A 80 -31.61 5.06 -47.83
C LYS A 80 -31.00 3.92 -48.65
N TYR A 81 -30.52 2.86 -48.01
CA TYR A 81 -29.72 1.87 -48.73
C TYR A 81 -30.36 0.49 -48.85
N CYS A 82 -31.33 0.16 -48.01
CA CYS A 82 -31.98 -1.14 -48.02
C CYS A 82 -30.97 -2.29 -47.90
N PRO A 83 -30.27 -2.41 -46.76
CA PRO A 83 -29.32 -3.52 -46.60
C PRO A 83 -30.02 -4.86 -46.50
N ARG A 84 -29.25 -5.94 -46.36
CA ARG A 84 -29.83 -7.27 -46.27
C ARG A 84 -30.17 -7.64 -44.83
N GLN A 85 -29.22 -7.48 -43.92
CA GLN A 85 -29.44 -7.83 -42.52
C GLN A 85 -28.74 -6.78 -41.65
N TYR A 86 -29.53 -6.10 -40.83
CA TYR A 86 -29.06 -5.01 -39.98
C TYR A 86 -29.22 -5.41 -38.52
N SER A 87 -28.18 -5.20 -37.73
CA SER A 87 -28.16 -5.66 -36.34
C SER A 87 -27.75 -4.53 -35.41
N LEU A 88 -28.36 -4.51 -34.22
CA LEU A 88 -28.10 -3.51 -33.20
C LEU A 88 -27.74 -4.19 -31.89
N LEU A 89 -26.74 -3.65 -31.20
CA LEU A 89 -26.28 -4.18 -29.91
C LEU A 89 -26.31 -3.05 -28.89
N GLU A 90 -27.32 -3.04 -28.04
CA GLU A 90 -27.49 -2.03 -27.01
C GLU A 90 -27.73 -2.69 -25.67
N LYS A 91 -27.08 -2.19 -24.62
CA LYS A 91 -27.21 -2.75 -23.28
C LYS A 91 -27.95 -1.85 -22.31
N ARG A 92 -28.03 -0.55 -22.56
CA ARG A 92 -28.78 0.34 -21.68
C ARG A 92 -30.25 -0.05 -21.67
N SER A 93 -30.82 -0.09 -20.47
CA SER A 93 -32.14 -0.69 -20.28
C SER A 93 -33.24 0.12 -20.96
N SER A 94 -33.37 1.39 -20.57
CA SER A 94 -34.44 2.23 -21.11
C SER A 94 -34.32 2.38 -22.61
N LEU A 95 -33.09 2.56 -23.10
CA LEU A 95 -32.86 2.66 -24.53
C LEU A 95 -33.26 1.36 -25.24
N TYR A 96 -32.98 0.22 -24.60
CA TYR A 96 -33.34 -1.06 -25.20
C TYR A 96 -34.85 -1.19 -25.33
N LYS A 97 -35.60 -0.87 -24.26
CA LYS A 97 -37.05 -0.92 -24.38
C LYS A 97 -37.56 0.07 -25.42
N PHE A 98 -36.98 1.26 -25.50
CA PHE A 98 -37.43 2.22 -26.51
C PHE A 98 -37.25 1.66 -27.91
N LEU A 99 -36.04 1.17 -28.21
CA LEU A 99 -35.76 0.64 -29.54
C LEU A 99 -36.64 -0.57 -29.84
N ASN A 100 -36.78 -1.48 -28.88
CA ASN A 100 -37.59 -2.67 -29.09
C ASN A 100 -39.04 -2.30 -29.35
N ALA A 101 -39.58 -1.38 -28.58
CA ALA A 101 -40.98 -0.96 -28.78
C ALA A 101 -41.16 -0.29 -30.12
N LYS A 102 -40.22 0.57 -30.52
CA LYS A 102 -40.40 1.30 -31.77
C LYS A 102 -40.27 0.38 -32.98
N PHE A 103 -39.25 -0.47 -33.01
CA PHE A 103 -38.94 -1.26 -34.19
C PHE A 103 -39.57 -2.65 -34.18
N GLU A 104 -40.73 -2.81 -33.57
CA GLU A 104 -41.47 -4.07 -33.67
C GLU A 104 -42.06 -4.22 -35.07
N GLY A 105 -42.12 -5.47 -35.54
CA GLY A 105 -42.72 -5.76 -36.83
C GLY A 105 -41.98 -5.13 -38.00
N SER A 106 -40.66 -5.04 -37.92
CA SER A 106 -39.84 -4.48 -38.98
C SER A 106 -38.68 -5.41 -39.28
N PRO A 107 -38.21 -5.42 -40.52
CA PRO A 107 -37.06 -6.27 -40.86
C PRO A 107 -35.81 -5.95 -40.07
N LEU A 108 -35.67 -4.71 -39.59
CA LEU A 108 -34.52 -4.35 -38.77
C LEU A 108 -34.51 -5.17 -37.49
N GLN A 109 -33.31 -5.58 -37.08
CA GLN A 109 -33.12 -6.45 -35.92
C GLN A 109 -32.62 -5.66 -34.73
N ILE A 110 -33.10 -6.04 -33.55
CA ILE A 110 -32.64 -5.49 -32.27
C ILE A 110 -32.17 -6.65 -31.40
N LEU A 111 -31.03 -6.44 -30.73
CA LEU A 111 -30.46 -7.46 -29.87
C LEU A 111 -30.00 -6.83 -28.57
N LYS A 112 -30.08 -7.59 -27.49
CA LYS A 112 -29.66 -7.14 -26.16
C LYS A 112 -28.35 -7.82 -25.81
N ARG A 113 -27.25 -7.11 -26.01
CA ARG A 113 -25.91 -7.57 -25.65
C ARG A 113 -25.04 -6.35 -25.42
N ASP A 114 -24.03 -6.50 -24.57
CA ASP A 114 -23.17 -5.38 -24.22
C ASP A 114 -21.95 -5.36 -25.12
N PRO A 115 -21.78 -4.35 -25.97
CA PRO A 115 -20.60 -4.32 -26.86
C PRO A 115 -19.29 -4.07 -26.14
N TYR A 116 -19.30 -3.92 -24.81
CA TYR A 116 -18.05 -3.71 -24.08
C TYR A 116 -17.25 -4.99 -23.91
N ASP A 117 -17.92 -6.12 -23.75
CA ASP A 117 -17.25 -7.38 -23.44
C ASP A 117 -16.88 -8.12 -24.72
N TRP A 118 -15.60 -8.52 -24.82
CA TRP A 118 -15.15 -9.28 -25.98
C TRP A 118 -15.91 -10.58 -26.12
N SER A 119 -16.27 -11.19 -24.98
CA SER A 119 -17.01 -12.45 -25.03
C SER A 119 -18.33 -12.29 -25.77
N THR A 120 -18.92 -11.10 -25.73
CA THR A 120 -20.16 -10.88 -26.48
C THR A 120 -19.93 -10.99 -27.97
N TYR A 121 -18.85 -10.38 -28.48
CA TYR A 121 -18.53 -10.52 -29.89
C TYR A 121 -18.20 -11.97 -30.24
N SER A 122 -17.43 -12.63 -29.38
CA SER A 122 -17.08 -14.03 -29.65
C SER A 122 -18.33 -14.89 -29.73
N ASN A 123 -19.26 -14.72 -28.79
CA ASN A 123 -20.50 -15.48 -28.79
C ASN A 123 -21.35 -15.14 -30.01
N LEU A 124 -21.40 -13.86 -30.40
CA LEU A 124 -22.26 -13.44 -31.49
C LEU A 124 -21.78 -13.99 -32.83
N ILE A 125 -20.49 -13.86 -33.12
CA ILE A 125 -20.00 -14.23 -34.45
C ILE A 125 -19.50 -15.67 -34.50
N ASP A 126 -18.74 -16.13 -33.50
CA ASP A 126 -18.04 -17.40 -33.64
C ASP A 126 -18.99 -18.58 -33.52
N GLU A 127 -19.64 -18.75 -32.38
CA GLU A 127 -20.38 -19.98 -32.09
C GLU A 127 -21.88 -19.87 -32.33
N GLU A 128 -22.55 -18.91 -31.71
CA GLU A 128 -24.00 -18.79 -31.91
C GLU A 128 -24.33 -18.40 -33.35
N ARG A 129 -23.53 -17.51 -33.94
CA ARG A 129 -23.60 -17.18 -35.36
C ARG A 129 -24.95 -16.56 -35.74
N ILE A 130 -25.39 -15.57 -34.98
CA ILE A 130 -26.49 -14.73 -35.43
C ILE A 130 -26.04 -13.86 -36.58
N PHE A 131 -24.86 -13.25 -36.45
CA PHE A 131 -24.30 -12.35 -37.46
C PHE A 131 -23.02 -12.98 -37.99
N VAL A 132 -23.01 -13.34 -39.26
CA VAL A 132 -21.89 -14.02 -39.88
C VAL A 132 -21.32 -13.15 -41.00
N PRO A 133 -20.28 -12.37 -40.72
CA PRO A 133 -19.59 -11.65 -41.78
C PRO A 133 -18.69 -12.59 -42.58
N GLU A 134 -18.28 -12.13 -43.75
CA GLU A 134 -17.42 -12.90 -44.64
C GLU A 134 -16.03 -12.26 -44.68
N VAL A 135 -15.00 -13.09 -44.73
CA VAL A 135 -13.63 -12.59 -44.71
C VAL A 135 -13.22 -12.17 -46.12
N GLN A 136 -12.54 -11.04 -46.20
CA GLN A 136 -12.02 -10.52 -47.46
C GLN A 136 -10.50 -10.43 -47.40
N SER A 137 -9.91 -10.17 -48.55
CA SER A 137 -8.47 -9.97 -48.62
C SER A 137 -8.08 -8.64 -48.00
N SER A 138 -6.79 -8.50 -47.69
CA SER A 138 -6.29 -7.31 -47.02
C SER A 138 -5.95 -6.18 -47.99
N ASP A 139 -6.11 -6.39 -49.30
CA ASP A 139 -5.75 -5.34 -50.25
C ASP A 139 -6.79 -4.22 -50.27
N HIS A 140 -8.07 -4.56 -50.20
CA HIS A 140 -9.15 -3.60 -50.33
C HIS A 140 -10.11 -3.70 -49.16
N ILE A 141 -10.87 -2.63 -48.95
CA ILE A 141 -11.82 -2.55 -47.85
C ILE A 141 -12.92 -3.58 -48.05
N ASN A 142 -13.26 -4.30 -46.98
CA ASN A 142 -14.34 -5.28 -47.04
C ASN A 142 -15.65 -4.60 -47.43
N ASP A 143 -16.23 -5.04 -48.55
CA ASP A 143 -17.43 -4.44 -49.09
C ASP A 143 -18.70 -5.11 -48.60
N LYS A 144 -18.60 -6.09 -47.68
CA LYS A 144 -19.77 -6.76 -47.14
C LYS A 144 -19.84 -6.66 -45.62
N PHE A 145 -19.16 -5.69 -45.02
CA PHE A 145 -19.17 -5.51 -43.57
C PHE A 145 -18.93 -4.04 -43.26
N LEU A 146 -19.88 -3.43 -42.57
CA LEU A 146 -19.77 -2.04 -42.15
C LEU A 146 -20.08 -1.97 -40.65
N THR A 147 -19.19 -1.33 -39.90
CA THR A 147 -19.34 -1.19 -38.46
C THR A 147 -19.44 0.29 -38.11
N VAL A 148 -20.55 0.68 -37.48
CA VAL A 148 -20.78 2.05 -37.02
C VAL A 148 -20.99 2.00 -35.52
N ALA A 149 -20.28 2.86 -34.79
CA ALA A 149 -20.30 2.82 -33.35
C ALA A 149 -20.45 4.24 -32.79
N ASN A 150 -21.00 4.32 -31.58
CA ASN A 150 -21.21 5.56 -30.86
C ASN A 150 -20.53 5.45 -29.50
N VAL A 151 -19.44 6.18 -29.31
CA VAL A 151 -18.69 6.12 -28.06
C VAL A 151 -18.64 7.54 -27.49
N THR A 152 -19.72 8.30 -27.71
CA THR A 152 -19.76 9.69 -27.28
C THR A 152 -19.65 9.85 -25.77
N GLY A 153 -19.89 8.77 -25.02
CA GLY A 153 -19.73 8.80 -23.58
C GLY A 153 -18.36 9.27 -23.14
N GLU A 154 -18.31 10.12 -22.13
CA GLU A 154 -17.06 10.75 -21.75
C GLU A 154 -16.10 9.77 -21.05
N GLY A 155 -16.64 8.78 -20.37
CA GLY A 155 -15.82 7.87 -19.58
C GLY A 155 -15.36 6.61 -20.28
N SER A 156 -15.44 6.54 -21.60
CA SER A 156 -15.13 5.31 -22.32
C SER A 156 -14.23 5.57 -23.53
N GLU A 157 -13.19 6.39 -23.34
CA GLU A 157 -12.19 6.53 -24.40
C GLU A 157 -11.29 5.31 -24.47
N GLY A 158 -11.13 4.61 -23.35
CA GLY A 158 -10.34 3.39 -23.36
C GLY A 158 -10.87 2.35 -24.32
N LEU A 159 -12.18 2.32 -24.54
CA LEU A 159 -12.74 1.42 -25.53
C LEU A 159 -12.24 1.78 -26.92
N ILE A 160 -12.20 3.08 -27.25
CA ILE A 160 -11.69 3.50 -28.54
C ILE A 160 -10.22 3.13 -28.69
N MET A 161 -9.42 3.37 -27.65
CA MET A 161 -8.01 3.02 -27.74
C MET A 161 -7.80 1.51 -27.88
N GLN A 162 -8.63 0.71 -27.19
CA GLN A 162 -8.55 -0.73 -27.35
C GLN A 162 -8.94 -1.16 -28.75
N TRP A 163 -9.91 -0.47 -29.35
CA TRP A 163 -10.28 -0.80 -30.73
C TRP A 163 -9.17 -0.44 -31.70
N LEU A 164 -8.44 0.65 -31.45
CA LEU A 164 -7.27 0.95 -32.27
C LEU A 164 -6.17 -0.09 -32.09
N SER A 165 -5.94 -0.53 -30.85
CA SER A 165 -5.00 -1.62 -30.64
C SER A 165 -5.45 -2.89 -31.35
N CYS A 166 -6.77 -3.09 -31.48
CA CYS A 166 -7.28 -4.21 -32.26
C CYS A 166 -7.05 -4.00 -33.75
N ILE A 167 -7.10 -2.76 -34.22
CA ILE A 167 -6.66 -2.47 -35.59
C ILE A 167 -5.23 -2.96 -35.77
N GLY A 168 -4.38 -2.65 -34.79
CA GLY A 168 -2.98 -3.07 -34.87
C GLY A 168 -2.80 -4.58 -34.84
N ASN A 169 -3.54 -5.26 -33.96
CA ASN A 169 -3.34 -6.69 -33.72
C ASN A 169 -4.14 -7.58 -34.66
N LYS A 170 -5.08 -7.03 -35.44
CA LYS A 170 -5.82 -7.79 -36.43
C LYS A 170 -6.58 -8.97 -35.81
N ASN A 171 -7.15 -8.75 -34.63
CA ASN A 171 -7.73 -9.86 -33.87
C ASN A 171 -9.23 -9.73 -33.60
N TRP A 172 -9.70 -8.60 -33.05
CA TRP A 172 -11.05 -8.51 -32.51
C TRP A 172 -12.13 -8.72 -33.55
N LEU A 173 -12.24 -7.79 -34.49
CA LEU A 173 -13.22 -7.86 -35.56
C LEU A 173 -12.58 -7.71 -36.93
N TYR A 174 -11.28 -7.45 -36.99
CA TYR A 174 -10.55 -7.14 -38.19
C TYR A 174 -9.93 -8.39 -38.82
N ARG A 175 -10.11 -9.54 -38.18
CA ARG A 175 -9.80 -10.81 -38.83
C ARG A 175 -10.61 -10.99 -40.10
N PHE A 176 -11.73 -10.28 -40.23
CA PHE A 176 -12.50 -10.26 -41.46
C PHE A 176 -11.86 -9.41 -42.54
N GLY A 177 -10.79 -8.69 -42.22
CA GLY A 177 -10.10 -7.87 -43.19
C GLY A 177 -10.13 -6.40 -42.83
N LYS A 178 -10.11 -5.54 -43.85
CA LYS A 178 -10.20 -4.10 -43.64
C LYS A 178 -11.66 -3.69 -43.68
N VAL A 179 -12.21 -3.24 -42.55
CA VAL A 179 -13.60 -2.85 -42.44
C VAL A 179 -13.66 -1.38 -42.02
N LYS A 180 -14.46 -0.59 -42.72
CA LYS A 180 -14.58 0.82 -42.43
C LYS A 180 -15.36 1.05 -41.14
N MET A 181 -14.94 2.03 -40.36
CA MET A 181 -15.57 2.37 -39.10
C MET A 181 -16.09 3.80 -39.14
N LEU A 182 -17.34 3.99 -38.75
CA LEU A 182 -17.94 5.31 -38.55
C LEU A 182 -18.18 5.49 -37.06
N LEU A 183 -17.59 6.53 -36.49
CA LEU A 183 -17.49 6.67 -35.04
C LEU A 183 -18.05 8.01 -34.60
N TRP A 184 -19.13 7.98 -33.82
CA TRP A 184 -19.60 9.14 -33.07
C TRP A 184 -18.86 9.15 -31.73
N MET A 185 -18.11 10.21 -31.47
CA MET A 185 -17.11 10.17 -30.42
C MET A 185 -16.68 11.59 -30.09
N PRO A 186 -16.26 11.84 -28.85
CA PRO A 186 -16.11 13.23 -28.38
C PRO A 186 -15.06 14.02 -29.15
N SER A 187 -15.19 15.34 -29.06
CA SER A 187 -14.31 16.23 -29.83
C SER A 187 -12.92 16.34 -29.22
N THR A 188 -12.79 16.20 -27.90
CA THR A 188 -11.46 16.27 -27.29
C THR A 188 -10.61 15.09 -27.71
N THR A 189 -11.17 13.88 -27.62
CA THR A 189 -10.48 12.71 -28.14
C THR A 189 -10.26 12.82 -29.64
N ALA A 190 -11.16 13.50 -30.36
CA ALA A 190 -10.96 13.72 -31.79
C ALA A 190 -9.75 14.60 -32.04
N ARG A 191 -9.59 15.66 -31.27
CA ARG A 191 -8.43 16.53 -31.42
C ARG A 191 -7.14 15.79 -31.08
N LYS A 192 -7.17 14.97 -30.02
CA LYS A 192 -5.99 14.18 -29.69
C LYS A 192 -5.68 13.16 -30.78
N LEU A 193 -6.71 12.51 -31.33
CA LEU A 193 -6.51 11.40 -32.25
C LEU A 193 -6.07 11.90 -33.63
N LEU A 194 -6.69 12.97 -34.13
CA LEU A 194 -6.44 13.48 -35.46
C LEU A 194 -5.28 14.47 -35.49
N ALA A 195 -4.37 14.42 -34.52
CA ALA A 195 -3.29 15.38 -34.45
C ALA A 195 -2.24 15.09 -35.51
N ARG A 196 -1.36 16.06 -35.69
CA ARG A 196 -0.25 16.01 -36.64
C ARG A 196 1.03 16.37 -35.91
N PRO A 197 2.19 15.97 -36.45
CA PRO A 197 3.45 16.25 -35.74
C PRO A 197 3.63 17.74 -35.46
N GLY A 198 4.10 18.03 -34.25
CA GLY A 198 4.33 19.39 -33.82
C GLY A 198 3.18 20.02 -33.07
N MET A 199 1.97 19.50 -33.22
CA MET A 199 0.82 20.08 -32.54
C MET A 199 0.86 19.72 -31.05
N HIS A 200 0.35 20.64 -30.23
CA HIS A 200 0.35 20.44 -28.78
C HIS A 200 -0.54 19.30 -28.34
N SER A 201 -1.41 18.80 -29.21
CA SER A 201 -2.29 17.69 -28.88
C SER A 201 -1.77 16.36 -29.42
N ARG A 202 -0.53 16.33 -29.88
CA ARG A 202 0.08 15.08 -30.34
C ARG A 202 0.25 14.11 -29.18
N SER A 203 -0.11 12.85 -29.41
CA SER A 203 0.00 11.84 -28.37
C SER A 203 -0.04 10.46 -29.00
N LYS A 204 -0.03 9.44 -28.15
CA LYS A 204 -0.02 8.07 -28.65
C LYS A 204 -1.31 7.74 -29.37
N CYS A 205 -2.40 8.41 -29.04
CA CYS A 205 -3.63 8.31 -29.82
C CYS A 205 -3.35 8.64 -31.28
N SER A 206 -2.72 9.79 -31.52
CA SER A 206 -2.42 10.23 -32.87
C SER A 206 -1.41 9.31 -33.54
N VAL A 207 -0.39 8.86 -32.80
CA VAL A 207 0.62 7.98 -33.41
C VAL A 207 -0.01 6.67 -33.83
N VAL A 208 -0.84 6.07 -32.97
CA VAL A 208 -1.51 4.82 -33.30
C VAL A 208 -2.43 5.01 -34.51
N ARG A 209 -3.19 6.12 -34.52
CA ARG A 209 -4.07 6.39 -35.65
C ARG A 209 -3.28 6.49 -36.95
N GLU A 210 -2.17 7.23 -36.92
CA GLU A 210 -1.36 7.39 -38.12
C GLU A 210 -0.79 6.05 -38.58
N ALA A 211 -0.34 5.23 -37.64
CA ALA A 211 0.28 3.95 -38.00
C ALA A 211 -0.74 2.99 -38.60
N PHE A 212 -1.93 2.88 -37.99
CA PHE A 212 -2.83 1.78 -38.29
C PHE A 212 -4.00 2.12 -39.19
N THR A 213 -4.25 3.40 -39.47
CA THR A 213 -5.44 3.76 -40.24
C THR A 213 -5.30 5.15 -40.84
N ASP A 214 -6.28 5.50 -41.67
CA ASP A 214 -6.45 6.85 -42.20
C ASP A 214 -7.84 7.33 -41.82
N THR A 215 -7.92 8.54 -41.28
CA THR A 215 -9.17 9.07 -40.78
C THR A 215 -9.45 10.43 -41.38
N LYS A 216 -10.74 10.71 -41.60
CA LYS A 216 -11.19 12.00 -42.11
C LYS A 216 -12.35 12.46 -41.25
N LEU A 217 -12.27 13.70 -40.77
CA LEU A 217 -13.37 14.27 -39.99
C LEU A 217 -14.56 14.52 -40.90
N ILE A 218 -15.75 14.14 -40.45
CA ILE A 218 -16.95 14.26 -41.25
C ILE A 218 -17.95 15.26 -40.67
N ALA A 219 -17.99 15.44 -39.36
CA ALA A 219 -18.91 16.36 -38.74
C ALA A 219 -18.32 16.86 -37.43
N ILE A 220 -18.87 17.97 -36.95
CA ILE A 220 -18.41 18.59 -35.71
C ILE A 220 -19.58 19.31 -35.08
N SER A 221 -19.55 19.44 -33.75
CA SER A 221 -20.67 20.03 -33.03
C SER A 221 -20.51 21.53 -32.79
N ASP A 222 -19.29 22.00 -32.58
CA ASP A 222 -19.04 23.42 -32.33
C ASP A 222 -17.98 23.92 -33.30
N ALA A 223 -18.30 24.99 -34.03
CA ALA A 223 -17.35 25.57 -34.98
C ALA A 223 -16.15 26.19 -34.28
N ASN A 224 -16.25 26.46 -32.98
CA ASN A 224 -15.13 27.05 -32.24
C ASN A 224 -13.97 26.07 -32.10
N GLU A 225 -14.26 24.77 -32.12
CA GLU A 225 -13.24 23.76 -31.87
C GLU A 225 -12.36 23.46 -33.09
N LEU A 226 -12.69 24.00 -34.26
CA LEU A 226 -11.91 23.69 -35.46
C LEU A 226 -10.52 24.30 -35.44
N LYS A 227 -10.23 25.19 -34.49
CA LYS A 227 -8.87 25.73 -34.40
C LYS A 227 -7.88 24.68 -33.89
N GLY A 228 -8.35 23.75 -33.06
CA GLY A 228 -7.44 22.73 -32.54
C GLY A 228 -6.91 21.81 -33.62
N PHE A 229 -7.73 21.53 -34.64
CA PHE A 229 -7.33 20.65 -35.72
C PHE A 229 -6.30 21.31 -36.62
N ASP A 230 -5.91 20.60 -37.67
CA ASP A 230 -4.96 21.13 -38.64
C ASP A 230 -5.70 21.83 -39.77
N SER A 231 -5.16 22.97 -40.20
CA SER A 231 -5.84 23.82 -41.18
C SER A 231 -5.96 23.13 -42.53
N GLN A 232 -4.86 22.56 -43.02
CA GLN A 232 -4.90 21.87 -44.30
C GLN A 232 -5.84 20.68 -44.24
N CYS A 233 -5.80 19.93 -43.14
CA CYS A 233 -6.67 18.77 -43.00
C CYS A 233 -8.14 19.16 -42.98
N ILE A 234 -8.49 20.23 -42.26
CA ILE A 234 -9.90 20.60 -42.20
C ILE A 234 -10.37 21.16 -43.54
N GLU A 235 -9.53 21.96 -44.20
CA GLU A 235 -9.95 22.46 -45.51
C GLU A 235 -10.02 21.35 -46.55
N GLU A 236 -9.28 20.26 -46.37
CA GLU A 236 -9.42 19.10 -47.25
C GLU A 236 -10.70 18.34 -46.96
N TRP A 237 -10.97 18.05 -45.68
CA TRP A 237 -12.13 17.23 -45.34
C TRP A 237 -13.43 17.95 -45.61
N ASP A 238 -13.50 19.26 -45.31
CA ASP A 238 -14.72 20.06 -45.41
C ASP A 238 -15.84 19.41 -44.59
N PRO A 239 -15.74 19.40 -43.27
CA PRO A 239 -16.76 18.73 -42.46
C PRO A 239 -18.10 19.47 -42.52
N ILE A 240 -19.13 18.76 -42.05
CA ILE A 240 -20.49 19.31 -42.02
C ILE A 240 -20.70 19.89 -40.62
N LEU A 241 -20.53 21.20 -40.50
CA LEU A 241 -20.65 21.87 -39.21
C LEU A 241 -22.13 22.03 -38.84
N PHE A 242 -22.48 21.62 -37.61
CA PHE A 242 -23.82 21.88 -37.10
C PHE A 242 -23.73 22.55 -35.74
N SER A 243 -24.87 22.70 -35.06
CA SER A 243 -24.94 23.41 -33.79
C SER A 243 -25.33 22.45 -32.68
N ALA A 244 -25.12 22.90 -31.44
CA ALA A 244 -25.42 22.09 -30.27
C ALA A 244 -26.90 21.82 -30.08
N ALA A 245 -27.77 22.54 -30.79
CA ALA A 245 -29.20 22.28 -30.68
C ALA A 245 -29.56 20.90 -31.21
N GLU A 246 -28.92 20.48 -32.30
CA GLU A 246 -29.31 19.26 -33.01
C GLU A 246 -28.97 17.98 -32.25
N ILE A 247 -28.23 18.06 -31.15
CA ILE A 247 -28.04 16.94 -30.23
C ILE A 247 -28.94 17.17 -29.02
N TRP A 248 -29.70 16.15 -28.62
CA TRP A 248 -30.70 16.36 -27.58
C TRP A 248 -30.07 16.68 -26.23
N PRO A 249 -29.19 15.85 -25.66
CA PRO A 249 -28.53 16.25 -24.41
C PRO A 249 -27.51 17.33 -24.66
N THR A 250 -27.83 18.57 -24.29
CA THR A 250 -26.97 19.71 -24.57
C THR A 250 -25.93 19.93 -23.49
N LYS A 251 -26.06 19.26 -22.34
CA LYS A 251 -25.14 19.49 -21.23
C LYS A 251 -23.72 19.05 -21.55
N GLY A 252 -23.58 18.02 -22.38
CA GLY A 252 -22.28 17.44 -22.63
C GLY A 252 -21.40 18.28 -23.54
N LYS A 253 -20.15 17.86 -23.65
CA LYS A 253 -19.17 18.55 -24.48
C LYS A 253 -19.45 18.28 -25.96
N PRO A 254 -18.95 19.14 -26.85
CA PRO A 254 -19.20 18.93 -28.28
C PRO A 254 -18.60 17.61 -28.77
N ILE A 255 -19.25 17.04 -29.78
CA ILE A 255 -18.89 15.73 -30.32
C ILE A 255 -18.35 15.92 -31.73
N ALA A 256 -17.87 14.81 -32.30
CA ALA A 256 -17.35 14.79 -33.66
C ALA A 256 -17.59 13.42 -34.27
N LEU A 257 -17.68 13.39 -35.60
CA LEU A 257 -17.84 12.16 -36.35
C LEU A 257 -16.59 11.92 -37.20
N VAL A 258 -16.02 10.73 -37.09
CA VAL A 258 -14.81 10.38 -37.83
C VAL A 258 -15.04 9.08 -38.58
N GLU A 259 -14.29 8.90 -39.67
CA GLU A 259 -14.35 7.70 -40.49
C GLU A 259 -13.00 7.02 -40.44
N MET A 260 -12.97 5.76 -40.03
CA MET A 260 -11.73 5.00 -39.85
C MET A 260 -11.63 3.95 -40.94
N ASP A 261 -10.53 3.97 -41.68
CA ASP A 261 -10.26 2.99 -42.73
C ASP A 261 -8.93 2.30 -42.42
N PRO A 262 -8.92 0.99 -42.18
CA PRO A 262 -7.66 0.30 -41.91
C PRO A 262 -6.73 0.35 -43.11
N ILE A 263 -5.43 0.42 -42.85
CA ILE A 263 -4.42 0.43 -43.89
C ILE A 263 -3.39 -0.66 -43.58
N ASP A 264 -2.58 -0.97 -44.58
CA ASP A 264 -1.54 -1.97 -44.43
C ASP A 264 -0.34 -1.39 -43.68
N PHE A 265 0.28 -2.22 -42.85
CA PHE A 265 1.41 -1.81 -42.04
C PHE A 265 2.46 -2.91 -42.05
N ASP A 266 3.73 -2.50 -41.97
CA ASP A 266 4.86 -3.43 -41.99
C ASP A 266 5.80 -3.10 -40.84
N PHE A 267 5.50 -3.66 -39.67
CA PHE A 267 6.38 -3.56 -38.51
C PHE A 267 5.92 -4.57 -37.48
N ASP A 268 6.71 -4.72 -36.42
CA ASP A 268 6.35 -5.57 -35.30
C ASP A 268 5.61 -4.74 -34.25
N VAL A 269 4.34 -5.09 -34.03
CA VAL A 269 3.45 -4.24 -33.27
C VAL A 269 3.91 -4.12 -31.81
N ASP A 270 4.34 -5.23 -31.21
CA ASP A 270 4.70 -5.20 -29.79
C ASP A 270 5.90 -4.31 -29.54
N ASN A 271 6.96 -4.50 -30.32
CA ASN A 271 8.17 -3.71 -30.12
C ASN A 271 7.95 -2.24 -30.49
N TRP A 272 7.18 -1.99 -31.57
CA TRP A 272 6.87 -0.61 -31.92
C TRP A 272 6.08 0.06 -30.81
N ASP A 273 5.11 -0.65 -30.23
CA ASP A 273 4.32 -0.10 -29.12
C ASP A 273 5.22 0.24 -27.94
N TYR A 274 6.09 -0.69 -27.55
CA TYR A 274 6.98 -0.44 -26.42
C TYR A 274 7.86 0.77 -26.67
N VAL A 275 8.49 0.84 -27.86
CA VAL A 275 9.45 1.90 -28.09
C VAL A 275 8.76 3.25 -28.17
N THR A 276 7.58 3.31 -28.80
CA THR A 276 6.85 4.59 -28.85
C THR A 276 6.43 5.03 -27.45
N ARG A 277 5.85 4.10 -26.67
CA ARG A 277 5.35 4.47 -25.35
C ARG A 277 6.48 4.96 -24.45
N HIS A 278 7.62 4.28 -24.48
CA HIS A 278 8.72 4.71 -23.62
C HIS A 278 9.45 5.93 -24.16
N LEU A 279 9.46 6.12 -25.48
CA LEU A 279 10.21 7.22 -26.07
C LEU A 279 9.46 8.54 -25.93
N MET A 280 8.14 8.51 -26.03
CA MET A 280 7.37 9.74 -26.16
C MET A 280 6.87 10.27 -24.82
N ILE A 281 7.26 9.64 -23.70
CA ILE A 281 6.93 10.20 -22.40
C ILE A 281 7.49 11.60 -22.27
N LEU A 282 8.76 11.79 -22.62
CA LEU A 282 9.39 13.10 -22.61
C LEU A 282 9.27 13.73 -24.01
N LYS A 283 8.02 14.02 -24.38
CA LYS A 283 7.72 14.44 -25.75
C LYS A 283 8.33 15.78 -26.10
N ARG A 284 8.77 16.57 -25.13
CA ARG A 284 9.38 17.85 -25.45
C ARG A 284 10.82 17.90 -24.98
N THR A 285 11.57 16.83 -25.25
CA THR A 285 12.98 16.73 -24.95
C THR A 285 13.75 16.36 -26.22
N PRO A 286 14.88 17.01 -26.50
CA PRO A 286 15.63 16.65 -27.71
C PRO A 286 16.03 15.19 -27.71
N LEU A 287 16.00 14.58 -28.89
CA LEU A 287 16.16 13.14 -29.01
C LEU A 287 17.55 12.66 -28.58
N ASN A 288 18.53 13.56 -28.52
CA ASN A 288 19.87 13.18 -28.06
C ASN A 288 19.90 12.90 -26.57
N THR A 289 18.82 13.16 -25.85
CA THR A 289 18.74 12.95 -24.41
C THR A 289 17.74 11.88 -24.00
N VAL A 290 16.63 11.74 -24.75
CA VAL A 290 15.55 10.85 -24.35
C VAL A 290 15.87 9.37 -24.51
N MET A 291 16.98 9.02 -25.17
CA MET A 291 17.23 7.61 -25.50
C MET A 291 17.68 6.77 -24.31
N ASP A 292 18.31 7.37 -23.30
CA ASP A 292 18.89 6.56 -22.22
C ASP A 292 17.83 5.86 -21.39
N SER A 293 16.56 6.27 -21.53
CA SER A 293 15.48 5.63 -20.78
C SER A 293 14.92 4.41 -21.49
N LEU A 294 15.37 4.11 -22.71
CA LEU A 294 14.95 2.89 -23.38
C LEU A 294 15.58 1.66 -22.72
N GLY A 295 16.81 1.81 -22.25
CA GLY A 295 17.50 0.73 -21.57
C GLY A 295 18.88 1.19 -21.18
N HIS A 296 19.66 0.25 -20.65
CA HIS A 296 21.04 0.56 -20.28
C HIS A 296 21.89 0.71 -21.53
N GLY A 297 22.58 1.83 -21.65
CA GLY A 297 23.40 2.10 -22.82
C GLY A 297 22.64 2.47 -24.07
N GLY A 298 21.33 2.68 -23.96
CA GLY A 298 20.55 3.01 -25.14
C GLY A 298 21.01 4.29 -25.81
N GLN A 299 21.41 5.29 -25.01
CA GLN A 299 21.90 6.54 -25.56
C GLN A 299 23.12 6.30 -26.44
N GLN A 300 24.11 5.58 -25.92
CA GLN A 300 25.31 5.30 -26.70
C GLN A 300 25.00 4.47 -27.94
N TYR A 301 24.15 3.46 -27.79
CA TYR A 301 23.84 2.58 -28.93
C TYR A 301 23.15 3.36 -30.05
N PHE A 302 22.16 4.19 -29.70
CA PHE A 302 21.43 4.91 -30.73
C PHE A 302 22.28 6.05 -31.31
N ASN A 303 23.16 6.65 -30.50
CA ASN A 303 24.10 7.61 -31.07
C ASN A 303 25.03 6.94 -32.09
N SER A 304 25.48 5.72 -31.77
CA SER A 304 26.34 5.00 -32.71
C SER A 304 25.59 4.65 -33.99
N ARG A 305 24.37 4.14 -33.87
CA ARG A 305 23.64 3.64 -35.04
C ARG A 305 22.89 4.71 -35.81
N ILE A 306 22.76 5.92 -35.27
CA ILE A 306 22.09 7.01 -35.97
C ILE A 306 23.17 7.87 -36.62
N THR A 307 23.30 7.75 -37.95
CA THR A 307 24.28 8.54 -38.68
C THR A 307 23.76 9.94 -38.97
N ASP A 308 22.45 10.13 -39.00
CA ASP A 308 21.88 11.44 -39.29
C ASP A 308 21.95 12.34 -38.07
N LYS A 309 22.47 13.54 -38.26
CA LYS A 309 22.52 14.53 -37.20
C LYS A 309 21.32 15.45 -37.18
N ASP A 310 20.41 15.32 -38.15
CA ASP A 310 19.17 16.09 -38.15
C ASP A 310 18.08 15.41 -37.35
N LEU A 311 18.17 14.09 -37.18
CA LEU A 311 17.17 13.36 -36.40
C LEU A 311 17.47 13.39 -34.91
N LEU A 312 18.68 13.79 -34.53
CA LEU A 312 19.08 13.75 -33.12
C LEU A 312 18.72 15.02 -32.36
N LYS A 313 18.05 15.98 -33.00
CA LYS A 313 17.60 17.19 -32.31
C LYS A 313 16.11 17.42 -32.45
N LYS A 314 15.35 16.42 -32.85
CA LYS A 314 13.90 16.53 -33.00
C LYS A 314 13.21 15.82 -31.85
N CYS A 315 12.31 16.52 -31.18
CA CYS A 315 11.59 15.94 -30.06
C CYS A 315 10.64 14.85 -30.54
N PRO A 316 10.31 13.89 -29.68
CA PRO A 316 9.39 12.81 -30.10
C PRO A 316 8.03 13.30 -30.52
N ILE A 317 7.64 14.51 -30.12
CA ILE A 317 6.36 15.07 -30.57
C ILE A 317 6.44 15.41 -32.06
N ASP A 318 7.62 15.81 -32.54
CA ASP A 318 7.79 16.19 -33.94
C ASP A 318 8.01 14.99 -34.86
N LEU A 319 8.31 13.82 -34.31
CA LEU A 319 8.55 12.65 -35.13
C LEU A 319 7.23 12.13 -35.71
N THR A 320 7.35 11.33 -36.77
CA THR A 320 6.21 10.71 -37.42
C THR A 320 6.32 9.20 -37.33
N ASN A 321 5.32 8.52 -37.88
CA ASN A 321 5.28 7.06 -37.79
C ASN A 321 6.43 6.42 -38.53
N ASP A 322 6.92 7.04 -39.61
CA ASP A 322 8.05 6.48 -40.32
C ASP A 322 9.31 6.49 -39.48
N GLU A 323 9.60 7.62 -38.82
CA GLU A 323 10.75 7.67 -37.93
C GLU A 323 10.58 6.72 -36.76
N PHE A 324 9.35 6.58 -36.25
CA PHE A 324 9.13 5.64 -35.15
C PHE A 324 9.38 4.20 -35.59
N ILE A 325 8.95 3.83 -36.80
CA ILE A 325 9.21 2.49 -37.31
C ILE A 325 10.71 2.28 -37.51
N TYR A 326 11.41 3.31 -38.00
CA TYR A 326 12.85 3.20 -38.17
C TYR A 326 13.53 2.97 -36.82
N LEU A 327 13.13 3.72 -35.80
CA LEU A 327 13.71 3.53 -34.47
C LEU A 327 13.36 2.15 -33.91
N THR A 328 12.16 1.65 -34.22
CA THR A 328 11.83 0.28 -33.83
C THR A 328 12.77 -0.72 -34.48
N LYS A 329 13.10 -0.50 -35.76
CA LYS A 329 14.03 -1.39 -36.45
C LYS A 329 15.40 -1.36 -35.80
N LEU A 330 15.91 -0.17 -35.45
CA LEU A 330 17.17 -0.11 -34.71
C LEU A 330 17.07 -0.79 -33.36
N PHE A 331 15.92 -0.64 -32.68
CA PHE A 331 15.76 -1.28 -31.38
C PHE A 331 15.84 -2.80 -31.50
N MET A 332 15.22 -3.36 -32.54
CA MET A 332 15.35 -4.81 -32.75
C MET A 332 16.78 -5.20 -33.12
N GLU A 333 17.45 -4.38 -33.95
CA GLU A 333 18.84 -4.69 -34.28
C GLU A 333 19.78 -4.49 -33.09
N TRP A 334 19.30 -3.90 -32.01
CA TRP A 334 20.11 -3.80 -30.79
C TRP A 334 20.38 -5.19 -30.22
N PRO A 335 21.64 -5.56 -29.99
CA PRO A 335 21.93 -6.84 -29.34
C PRO A 335 21.42 -6.90 -27.91
N PHE A 336 21.76 -5.90 -27.11
CA PHE A 336 21.44 -5.87 -25.69
C PHE A 336 20.17 -5.04 -25.49
N LYS A 337 19.03 -5.67 -25.76
CA LYS A 337 17.76 -4.99 -25.59
C LYS A 337 17.05 -5.53 -24.36
N PRO A 338 16.50 -4.66 -23.51
CA PRO A 338 15.65 -5.14 -22.42
C PRO A 338 14.41 -5.82 -22.97
N ASP A 339 14.01 -6.92 -22.32
CA ASP A 339 12.81 -7.62 -22.73
C ASP A 339 11.58 -6.75 -22.49
N ILE A 340 10.65 -6.79 -23.44
CA ILE A 340 9.47 -5.93 -23.34
C ILE A 340 8.37 -6.54 -22.49
N LEU A 341 8.46 -7.83 -22.17
CA LEU A 341 7.41 -8.47 -21.37
C LEU A 341 7.54 -8.09 -19.90
N MET A 342 8.75 -7.94 -19.40
CA MET A 342 8.99 -7.55 -18.02
C MET A 342 8.98 -6.04 -17.85
N ASP A 343 7.91 -5.39 -18.31
CA ASP A 343 7.75 -3.94 -18.21
C ASP A 343 6.39 -3.67 -17.55
N PHE A 344 6.37 -3.69 -16.22
CA PHE A 344 5.19 -3.37 -15.45
C PHE A 344 5.61 -3.27 -13.98
N VAL A 345 4.70 -2.78 -13.16
CA VAL A 345 4.87 -2.73 -11.72
C VAL A 345 3.81 -3.61 -11.08
N ASP A 346 4.22 -4.43 -10.11
CA ASP A 346 3.31 -5.33 -9.42
C ASP A 346 2.97 -4.75 -8.06
N MET A 347 1.72 -4.32 -7.87
CA MET A 347 1.28 -3.81 -6.59
C MET A 347 0.99 -4.91 -5.58
N TYR A 348 0.79 -6.14 -6.06
CA TYR A 348 0.51 -7.25 -5.15
C TYR A 348 1.73 -7.57 -4.30
N GLN A 349 2.93 -7.51 -4.89
CA GLN A 349 4.15 -7.88 -4.21
C GLN A 349 4.67 -6.70 -3.39
N THR A 350 4.95 -6.93 -2.10
CA THR A 350 5.54 -5.93 -1.23
C THR A 350 6.15 -6.65 -0.04
N GLU A 351 7.48 -6.52 0.12
CA GLU A 351 8.15 -7.17 1.24
C GLU A 351 7.65 -6.62 2.57
N HIS A 352 7.69 -5.30 2.73
CA HIS A 352 7.11 -4.61 3.89
C HIS A 352 7.52 -5.27 5.21
N SER A 353 8.82 -5.51 5.37
CA SER A 353 9.30 -6.15 6.58
C SER A 353 9.10 -5.24 7.78
N GLY A 354 8.90 -5.86 8.95
CA GLY A 354 8.70 -5.11 10.18
C GLY A 354 9.95 -4.43 10.69
N ALA B 318 33.87 -12.67 33.42
CA ALA B 318 34.73 -12.14 32.36
C ALA B 318 34.03 -12.24 31.01
N LEU B 319 32.78 -12.69 31.03
CA LEU B 319 32.01 -12.78 29.79
C LEU B 319 31.55 -11.41 29.32
N ASN B 320 31.19 -10.53 30.25
CA ASN B 320 30.70 -9.20 29.89
C ASN B 320 31.78 -8.37 29.20
N ILE B 321 33.00 -8.41 29.70
CA ILE B 321 34.07 -7.60 29.13
C ILE B 321 34.45 -8.10 27.74
N PHE B 322 34.43 -9.42 27.54
CA PHE B 322 34.73 -9.97 26.22
C PHE B 322 33.66 -9.58 25.22
N ASN B 323 32.39 -9.60 25.63
CA ASN B 323 31.31 -9.20 24.74
C ASN B 323 31.26 -7.70 24.54
N GLN B 324 31.77 -6.93 25.51
CA GLN B 324 31.76 -5.47 25.39
C GLN B 324 32.62 -5.00 24.23
N ASP B 325 33.78 -5.63 24.03
CA ASP B 325 34.64 -5.26 22.91
C ASP B 325 33.96 -5.55 21.58
N ARG B 326 33.29 -6.70 21.47
CA ARG B 326 32.63 -7.06 20.22
C ARG B 326 31.50 -6.09 19.89
N GLN B 327 30.72 -5.70 20.90
CA GLN B 327 29.61 -4.79 20.66
C GLN B 327 30.10 -3.42 20.19
N LYS B 328 31.18 -2.93 20.78
CA LYS B 328 31.78 -1.69 20.27
C LYS B 328 32.26 -1.87 18.84
N VAL B 329 32.81 -3.05 18.53
CA VAL B 329 33.13 -3.39 17.15
C VAL B 329 31.85 -3.53 16.33
N LEU B 330 30.86 -4.23 16.86
CA LEU B 330 29.58 -4.39 16.15
C LEU B 330 28.82 -3.08 16.04
N GLU B 331 29.15 -2.07 16.85
CA GLU B 331 28.58 -0.75 16.74
C GLU B 331 29.46 0.21 15.95
N ASN B 332 30.49 -0.31 15.27
CA ASN B 332 31.34 0.52 14.45
C ASN B 332 30.54 1.08 13.28
N ARG B 333 30.99 2.23 12.78
CA ARG B 333 30.30 2.89 11.68
C ARG B 333 30.34 2.02 10.43
N ALA B 334 29.18 1.74 9.85
CA ALA B 334 29.11 0.91 8.66
C ALA B 334 29.84 1.55 7.49
N THR B 335 29.86 2.88 7.43
CA THR B 335 30.55 3.56 6.32
C THR B 335 32.06 3.35 6.40
N GLU B 336 32.62 3.34 7.61
CA GLU B 336 34.05 3.14 7.75
C GLU B 336 34.44 1.70 7.45
N ALA B 337 33.67 0.74 7.97
CA ALA B 337 33.96 -0.67 7.71
C ALA B 337 33.84 -0.98 6.22
N ALA B 338 32.77 -0.49 5.58
CA ALA B 338 32.60 -0.72 4.15
C ALA B 338 33.71 -0.06 3.34
N ARG B 339 34.22 1.08 3.79
CA ARG B 339 35.37 1.70 3.14
C ARG B 339 36.59 0.79 3.22
N GLU B 340 36.82 0.18 4.38
CA GLU B 340 37.96 -0.71 4.55
C GLU B 340 37.71 -2.08 3.96
N ARG B 341 36.46 -2.56 3.99
CA ARG B 341 36.18 -3.95 3.61
C ARG B 341 36.54 -4.22 2.16
N TRP B 342 35.85 -3.57 1.21
CA TRP B 342 36.13 -3.87 -0.18
C TRP B 342 37.41 -3.22 -0.68
N LYS B 343 38.00 -2.29 0.07
CA LYS B 343 39.35 -1.86 -0.26
C LYS B 343 40.33 -3.01 -0.06
N HIS B 344 40.12 -3.80 1.01
CA HIS B 344 40.91 -5.01 1.21
C HIS B 344 40.66 -6.00 0.08
N ASP B 345 39.41 -6.16 -0.34
CA ASP B 345 39.08 -7.12 -1.39
C ASP B 345 39.76 -6.79 -2.71
N PHE B 346 40.16 -5.53 -2.88
CA PHE B 346 40.92 -5.16 -4.08
C PHE B 346 42.32 -5.76 -4.05
N GLU B 347 42.88 -5.98 -2.86
CA GLU B 347 44.25 -6.45 -2.77
C GLU B 347 44.39 -7.90 -3.25
N GLU B 348 43.43 -8.76 -2.89
CA GLU B 348 43.48 -10.13 -3.37
C GLU B 348 43.18 -10.23 -4.85
N ALA B 349 42.30 -9.36 -5.38
CA ALA B 349 41.98 -9.39 -6.79
C ALA B 349 43.20 -9.07 -7.65
N LYS B 350 43.97 -8.06 -7.27
CA LYS B 350 45.16 -7.70 -8.03
C LYS B 350 46.30 -8.68 -7.82
N ALA B 351 46.18 -9.60 -6.86
CA ALA B 351 47.18 -10.63 -6.63
C ALA B 351 46.78 -11.96 -7.26
N ARG B 352 45.53 -12.39 -7.03
CA ARG B 352 45.08 -13.69 -7.54
C ARG B 352 44.97 -13.68 -9.05
N GLY B 353 44.35 -12.66 -9.61
CA GLY B 353 44.19 -12.57 -11.05
C GLY B 353 42.89 -11.88 -11.40
N ASP B 354 42.68 -11.72 -12.70
CA ASP B 354 41.51 -11.04 -13.23
C ASP B 354 40.32 -12.01 -13.26
N ILE B 355 39.31 -11.76 -12.44
CA ILE B 355 38.11 -12.57 -12.36
C ILE B 355 36.92 -11.65 -12.12
N SER B 356 35.73 -12.26 -12.00
CA SER B 356 34.50 -11.50 -11.77
C SER B 356 33.63 -12.14 -10.71
N ILE B 357 34.23 -12.83 -9.74
CA ILE B 357 33.52 -13.45 -8.63
C ILE B 357 33.00 -12.36 -7.70
N GLU B 358 32.17 -12.74 -6.72
CA GLU B 358 31.54 -11.73 -5.87
C GLU B 358 32.56 -10.97 -5.02
N LYS B 359 33.73 -11.55 -4.78
CA LYS B 359 34.83 -10.74 -4.28
C LYS B 359 35.17 -9.64 -5.29
N ASN B 360 35.11 -9.96 -6.58
CA ASN B 360 35.23 -8.91 -7.57
C ASN B 360 33.99 -8.03 -7.66
N LEU B 361 32.84 -8.46 -7.12
CA LEU B 361 31.73 -7.53 -6.91
C LEU B 361 32.12 -6.46 -5.89
N ASN B 362 32.73 -6.88 -4.79
CA ASN B 362 33.26 -5.92 -3.84
C ASN B 362 34.32 -5.04 -4.49
N VAL B 363 35.13 -5.64 -5.38
CA VAL B 363 36.12 -4.87 -6.14
C VAL B 363 35.43 -3.84 -7.02
N LYS B 364 34.33 -4.22 -7.68
CA LYS B 364 33.58 -3.29 -8.51
C LYS B 364 33.01 -2.15 -7.68
N LEU B 365 32.52 -2.46 -6.47
CA LEU B 365 32.06 -1.41 -5.58
C LEU B 365 33.19 -0.46 -5.22
N TRP B 366 34.38 -1.01 -4.97
CA TRP B 366 35.54 -0.15 -4.68
C TRP B 366 35.88 0.73 -5.87
N LYS B 367 35.84 0.17 -7.08
CA LYS B 367 36.14 0.97 -8.28
C LYS B 367 35.10 2.06 -8.48
N TRP B 368 33.82 1.74 -8.24
CA TRP B 368 32.77 2.74 -8.31
C TRP B 368 33.04 3.88 -7.33
N TYR B 369 33.43 3.54 -6.10
CA TYR B 369 33.77 4.56 -5.13
C TYR B 369 34.95 5.40 -5.61
N ASN B 370 35.99 4.75 -6.11
CA ASN B 370 37.22 5.46 -6.47
C ASN B 370 37.02 6.34 -7.70
N GLU B 371 36.01 6.04 -8.52
CA GLU B 371 35.74 6.90 -9.67
C GLU B 371 34.65 7.93 -9.38
N MET B 372 33.77 7.66 -8.42
CA MET B 372 32.73 8.61 -8.02
C MET B 372 33.29 9.72 -7.16
N LEU B 373 34.28 9.42 -6.32
CA LEU B 373 34.82 10.45 -5.43
C LEU B 373 35.29 11.72 -6.15
N PRO B 374 35.99 11.66 -7.29
CA PRO B 374 36.35 12.92 -7.96
C PRO B 374 35.16 13.77 -8.38
N LEU B 375 34.05 13.15 -8.78
CA LEU B 375 32.89 13.95 -9.17
C LEU B 375 32.27 14.68 -7.99
N VAL B 376 32.14 14.00 -6.84
CA VAL B 376 31.64 14.65 -5.64
C VAL B 376 32.60 15.77 -5.23
N LYS B 377 33.91 15.52 -5.31
CA LYS B 377 34.87 16.55 -4.97
C LYS B 377 34.72 17.77 -5.89
N GLU B 378 34.52 17.53 -7.18
CA GLU B 378 34.34 18.64 -8.12
C GLU B 378 33.06 19.41 -7.83
N GLU B 379 31.99 18.70 -7.49
CA GLU B 379 30.74 19.38 -7.14
C GLU B 379 30.90 20.24 -5.90
N ILE B 380 31.60 19.72 -4.89
CA ILE B 380 31.87 20.50 -3.68
C ILE B 380 32.69 21.73 -4.02
N ASN B 381 33.70 21.57 -4.88
CA ASN B 381 34.52 22.71 -5.28
C ASN B 381 33.68 23.77 -5.98
N HIS B 382 32.80 23.34 -6.89
CA HIS B 382 31.94 24.30 -7.61
C HIS B 382 31.02 25.04 -6.64
N CYS B 383 30.40 24.31 -5.71
CA CYS B 383 29.50 24.97 -4.77
C CYS B 383 30.25 25.94 -3.86
N ARG B 384 31.44 25.55 -3.40
CA ARG B 384 32.23 26.43 -2.54
C ARG B 384 32.65 27.69 -3.28
N SER B 385 33.07 27.54 -4.54
CA SER B 385 33.47 28.69 -5.34
C SER B 385 32.29 29.58 -5.71
N LEU B 386 31.10 29.03 -5.90
CA LEU B 386 29.91 29.81 -6.21
C LEU B 386 29.35 30.54 -5.00
N LEU B 387 29.43 29.94 -3.81
CA LEU B 387 28.89 30.57 -2.61
C LEU B 387 29.77 31.72 -2.11
N SER B 388 30.97 31.90 -2.66
CA SER B 388 31.88 32.92 -2.16
C SER B 388 31.30 34.32 -2.35
N GLU B 389 30.71 34.60 -3.51
CA GLU B 389 30.11 35.90 -3.73
C GLU B 389 28.74 35.99 -3.06
N LYS B 390 28.24 37.22 -2.91
CA LYS B 390 27.04 37.47 -2.13
C LYS B 390 26.01 38.35 -2.83
N LEU B 391 25.98 38.35 -4.16
CA LEU B 391 24.96 39.08 -4.92
C LEU B 391 24.21 38.04 -5.75
N SER B 392 23.00 37.70 -5.30
CA SER B 392 22.29 36.56 -5.88
C SER B 392 21.75 36.88 -7.27
N ASP B 393 21.47 38.15 -7.57
CA ASP B 393 20.86 38.49 -8.86
C ASP B 393 21.80 38.17 -10.01
N LYS B 394 23.06 38.61 -9.93
CA LYS B 394 24.01 38.40 -11.01
C LYS B 394 24.73 37.06 -10.90
N LYS B 395 24.61 36.36 -9.79
CA LYS B 395 25.23 35.05 -9.64
C LYS B 395 24.21 33.97 -9.96
N GLY B 396 24.70 32.88 -10.56
CA GLY B 396 23.85 31.74 -10.86
C GLY B 396 22.70 32.04 -11.79
N LEU B 397 22.99 32.75 -12.90
CA LEU B 397 21.95 32.97 -13.91
C LEU B 397 21.47 31.65 -14.50
N ASN B 398 22.36 30.67 -14.60
CA ASN B 398 21.97 29.35 -15.07
C ASN B 398 21.02 28.69 -14.08
N LYS B 399 20.10 27.87 -14.60
CA LYS B 399 19.16 27.17 -13.74
C LYS B 399 19.88 26.20 -12.80
N VAL B 400 20.90 25.50 -13.31
CA VAL B 400 21.65 24.58 -12.47
C VAL B 400 22.39 25.33 -11.38
N ASP B 401 23.03 26.45 -11.72
CA ASP B 401 23.75 27.24 -10.73
C ASP B 401 22.81 27.89 -9.72
N THR B 402 21.53 28.04 -10.05
CA THR B 402 20.58 28.61 -9.10
C THR B 402 20.33 27.65 -7.94
N ASN B 403 20.08 26.38 -8.25
CA ASN B 403 19.86 25.38 -7.20
C ASN B 403 21.12 25.12 -6.39
N ARG B 404 22.29 25.53 -6.89
CA ARG B 404 23.51 25.41 -6.11
C ARG B 404 23.40 26.21 -4.82
N LEU B 405 22.87 27.43 -4.90
CA LEU B 405 22.51 28.14 -3.68
C LEU B 405 21.51 27.35 -2.85
N GLY B 406 20.69 26.52 -3.51
CA GLY B 406 19.72 25.73 -2.77
C GLY B 406 20.35 24.67 -1.90
N TYR B 407 21.35 23.94 -2.42
CA TYR B 407 21.82 22.75 -1.71
C TYR B 407 23.27 22.80 -1.24
N GLY B 408 24.14 23.62 -1.86
CA GLY B 408 25.55 23.56 -1.57
C GLY B 408 25.96 23.73 -0.13
N PRO B 409 25.40 24.70 0.61
CA PRO B 409 25.75 24.83 2.03
C PRO B 409 25.47 23.58 2.85
N TYR B 410 24.76 22.58 2.30
CA TYR B 410 24.50 21.35 3.04
C TYR B 410 25.58 20.30 2.78
N LEU B 411 26.06 20.20 1.54
CA LEU B 411 26.97 19.12 1.20
C LEU B 411 28.36 19.30 1.81
N THR B 412 28.77 20.53 2.07
CA THR B 412 30.13 20.79 2.53
C THR B 412 30.39 20.28 3.94
N LEU B 413 29.36 19.87 4.68
CA LEU B 413 29.56 19.45 6.07
C LEU B 413 30.24 18.10 6.16
N ILE B 414 29.83 17.14 5.34
CA ILE B 414 30.19 15.73 5.52
C ILE B 414 31.34 15.36 4.60
N ASP B 415 32.15 14.40 5.04
CA ASP B 415 33.25 13.88 4.24
C ASP B 415 32.71 13.33 2.92
N PRO B 416 33.24 13.78 1.78
CA PRO B 416 32.76 13.24 0.49
C PRO B 416 32.91 11.74 0.35
N GLY B 417 33.97 11.15 0.93
CA GLY B 417 34.10 9.69 0.87
C GLY B 417 32.99 8.99 1.62
N LYS B 418 32.68 9.47 2.82
CA LYS B 418 31.54 8.95 3.56
C LYS B 418 30.25 9.11 2.77
N MET B 419 30.10 10.26 2.10
CA MET B 419 28.91 10.51 1.29
C MET B 419 28.80 9.50 0.16
N CYS B 420 29.92 9.22 -0.52
CA CYS B 420 29.91 8.28 -1.63
C CYS B 420 29.55 6.88 -1.17
N VAL B 421 30.18 6.41 -0.08
CA VAL B 421 29.89 5.06 0.38
C VAL B 421 28.44 4.97 0.86
N ILE B 422 27.92 6.04 1.47
CA ILE B 422 26.52 6.06 1.88
C ILE B 422 25.62 5.91 0.66
N THR B 423 25.91 6.66 -0.41
CA THR B 423 25.09 6.56 -1.61
C THR B 423 25.10 5.15 -2.19
N ILE B 424 26.30 4.57 -2.30
CA ILE B 424 26.41 3.22 -2.89
C ILE B 424 25.65 2.21 -2.03
N LEU B 425 25.84 2.26 -0.72
CA LEU B 425 25.20 1.30 0.17
C LEU B 425 23.69 1.44 0.15
N GLU B 426 23.18 2.68 0.16
CA GLU B 426 21.74 2.89 0.11
C GLU B 426 21.15 2.38 -1.20
N LEU B 427 21.83 2.66 -2.31
CA LEU B 427 21.34 2.17 -3.60
C LEU B 427 21.31 0.65 -3.63
N LEU B 428 22.34 0.00 -3.09
CA LEU B 428 22.34 -1.47 -3.05
C LEU B 428 21.24 -1.99 -2.15
N LYS B 429 21.01 -1.34 -1.00
CA LYS B 429 19.98 -1.81 -0.07
C LYS B 429 18.58 -1.65 -0.65
N LEU B 430 18.36 -0.62 -1.46
CA LEU B 430 17.01 -0.29 -1.90
C LEU B 430 16.53 -1.13 -3.08
N ASN B 431 17.34 -2.06 -3.58
CA ASN B 431 16.99 -2.81 -4.78
C ASN B 431 15.76 -3.67 -4.57
N SER B 432 15.03 -3.91 -5.67
CA SER B 432 13.84 -4.77 -5.69
C SER B 432 12.80 -4.31 -4.68
N THR B 433 12.65 -3.00 -4.54
CA THR B 433 11.69 -2.41 -3.62
C THR B 433 10.78 -1.44 -4.37
N GLY B 434 9.58 -1.26 -3.85
CA GLY B 434 8.64 -0.30 -4.39
C GLY B 434 7.78 -0.80 -5.52
N GLY B 435 7.69 -2.11 -5.72
CA GLY B 435 6.90 -2.67 -6.81
C GLY B 435 7.62 -2.73 -8.14
N VAL B 436 8.91 -2.47 -8.17
CA VAL B 436 9.70 -2.53 -9.40
C VAL B 436 10.36 -3.90 -9.48
N ILE B 437 10.36 -4.48 -10.68
CA ILE B 437 10.89 -5.83 -10.85
C ILE B 437 12.37 -5.88 -10.50
N GLU B 438 13.15 -4.91 -11.00
CA GLU B 438 14.60 -4.96 -10.88
C GLU B 438 15.16 -3.62 -10.40
N GLY B 439 14.44 -2.92 -9.54
CA GLY B 439 14.92 -1.63 -9.08
C GLY B 439 14.01 -1.04 -8.03
N MET B 440 14.19 0.26 -7.82
CA MET B 440 13.43 1.00 -6.82
C MET B 440 12.92 2.30 -7.42
N ARG B 441 11.83 2.81 -6.85
CA ARG B 441 11.29 4.10 -7.27
C ARG B 441 12.30 5.20 -6.95
N THR B 442 12.39 6.19 -7.83
CA THR B 442 13.43 7.21 -7.66
C THR B 442 13.11 8.14 -6.50
N ALA B 443 11.82 8.36 -6.20
CA ALA B 443 11.47 9.20 -5.06
C ALA B 443 11.92 8.56 -3.76
N ARG B 444 11.62 7.28 -3.58
CA ARG B 444 12.08 6.57 -2.39
C ARG B 444 13.61 6.58 -2.32
N ALA B 445 14.27 6.35 -3.45
CA ALA B 445 15.73 6.30 -3.47
C ALA B 445 16.32 7.63 -3.02
N VAL B 446 15.82 8.74 -3.58
CA VAL B 446 16.41 10.03 -3.27
C VAL B 446 16.12 10.43 -1.83
N ILE B 447 14.88 10.23 -1.36
CA ILE B 447 14.57 10.62 0.01
C ILE B 447 15.33 9.74 1.00
N SER B 448 15.52 8.46 0.68
CA SER B 448 16.25 7.58 1.58
C SER B 448 17.72 7.94 1.63
N VAL B 449 18.32 8.28 0.48
CA VAL B 449 19.71 8.72 0.48
C VAL B 449 19.86 10.00 1.30
N GLY B 450 18.94 10.95 1.12
CA GLY B 450 19.01 12.17 1.90
C GLY B 450 18.85 11.92 3.39
N LYS B 451 17.92 11.05 3.76
CA LYS B 451 17.72 10.72 5.17
C LYS B 451 18.95 10.05 5.77
N ALA B 452 19.57 9.13 5.03
CA ALA B 452 20.77 8.49 5.53
C ALA B 452 21.89 9.51 5.71
N ILE B 453 22.03 10.43 4.76
CA ILE B 453 23.06 11.47 4.87
C ILE B 453 22.81 12.34 6.10
N GLU B 454 21.55 12.73 6.33
CA GLU B 454 21.26 13.58 7.48
C GLU B 454 21.46 12.83 8.79
N MET B 455 21.14 11.53 8.83
CA MET B 455 21.39 10.76 10.05
C MET B 455 22.88 10.64 10.33
N GLU B 456 23.68 10.42 9.29
CA GLU B 456 25.13 10.39 9.48
C GLU B 456 25.63 11.75 9.95
N PHE B 457 25.07 12.82 9.41
CA PHE B 457 25.43 14.16 9.85
C PHE B 457 25.13 14.35 11.33
N ARG B 458 23.95 13.92 11.76
CA ARG B 458 23.58 14.05 13.17
C ARG B 458 24.51 13.25 14.07
N SER B 459 24.83 12.02 13.67
CA SER B 459 25.73 11.20 14.47
C SER B 459 27.10 11.85 14.57
N GLU B 460 27.62 12.34 13.45
CA GLU B 460 28.93 12.99 13.47
C GLU B 460 28.91 14.24 14.34
N GLN B 461 27.84 15.04 14.24
CA GLN B 461 27.73 16.27 15.03
C GLN B 461 27.71 15.95 16.52
N VAL B 462 26.89 14.97 16.91
CA VAL B 462 26.80 14.61 18.33
C VAL B 462 28.13 14.09 18.83
N LEU B 463 28.77 13.22 18.06
CA LEU B 463 30.05 12.65 18.50
C LEU B 463 31.13 13.72 18.64
N LYS B 464 31.22 14.64 17.67
CA LYS B 464 32.27 15.65 17.77
C LYS B 464 31.97 16.65 18.87
N SER B 465 30.69 16.97 19.10
CA SER B 465 30.34 17.85 20.21
C SER B 465 30.70 17.21 21.54
N GLU B 466 30.43 15.91 21.69
CA GLU B 466 30.81 15.21 22.91
C GLU B 466 32.33 15.18 23.08
N SER B 467 33.06 14.96 21.99
CA SER B 467 34.51 14.91 22.06
C SER B 467 35.10 16.27 22.44
N GLN B 468 34.59 17.35 21.84
CA GLN B 468 35.16 18.67 22.08
C GLN B 468 34.67 19.31 23.38
N ALA B 469 33.54 18.85 23.92
CA ALA B 469 32.97 19.38 25.17
C ALA B 469 32.75 20.89 25.07
N LYS B 500 19.05 23.78 8.39
CA LYS B 500 18.22 23.85 9.59
C LYS B 500 18.54 22.68 10.52
N ILE B 501 18.02 22.76 11.76
CA ILE B 501 18.19 21.65 12.69
C ILE B 501 17.52 20.40 12.14
N LEU B 502 16.37 20.56 11.51
CA LEU B 502 15.68 19.49 10.81
C LEU B 502 15.76 19.78 9.32
N TRP B 503 16.37 18.88 8.56
CA TRP B 503 16.57 19.12 7.13
C TRP B 503 15.23 19.08 6.41
N PRO B 504 14.92 20.09 5.59
CA PRO B 504 13.69 20.03 4.81
C PRO B 504 13.72 18.88 3.81
N GLN B 505 12.55 18.27 3.61
CA GLN B 505 12.47 17.13 2.70
C GLN B 505 12.82 17.51 1.28
N SER B 506 12.57 18.76 0.89
CA SER B 506 12.96 19.21 -0.45
C SER B 506 14.48 19.18 -0.61
N ILE B 507 15.21 19.67 0.39
CA ILE B 507 16.67 19.65 0.32
C ILE B 507 17.18 18.23 0.36
N ARG B 508 16.57 17.38 1.19
CA ARG B 508 16.98 15.97 1.22
C ARG B 508 16.79 15.30 -0.14
N ALA B 509 15.65 15.54 -0.77
CA ALA B 509 15.39 14.97 -2.09
C ALA B 509 16.36 15.50 -3.14
N ARG B 510 16.66 16.80 -3.08
CA ARG B 510 17.61 17.37 -4.05
C ARG B 510 18.98 16.73 -3.90
N ILE B 511 19.46 16.58 -2.66
CA ILE B 511 20.77 15.98 -2.44
C ILE B 511 20.78 14.53 -2.90
N GLY B 512 19.71 13.78 -2.56
CA GLY B 512 19.63 12.40 -2.98
C GLY B 512 19.66 12.25 -4.49
N SER B 513 18.88 13.08 -5.20
CA SER B 513 18.86 13.00 -6.65
C SER B 513 20.21 13.37 -7.25
N VAL B 514 20.85 14.42 -6.73
CA VAL B 514 22.16 14.82 -7.24
C VAL B 514 23.14 13.67 -7.14
N LEU B 515 23.21 13.05 -5.96
CA LEU B 515 24.19 11.99 -5.75
C LEU B 515 23.85 10.74 -6.55
N ILE B 516 22.56 10.40 -6.64
CA ILE B 516 22.17 9.21 -7.38
C ILE B 516 22.49 9.38 -8.86
N SER B 517 22.21 10.55 -9.43
CA SER B 517 22.56 10.80 -10.82
C SER B 517 24.07 10.75 -11.02
N MET B 518 24.82 11.36 -10.11
CA MET B 518 26.27 11.40 -10.28
C MET B 518 26.89 10.02 -10.13
N LEU B 519 26.26 9.12 -9.39
CA LEU B 519 26.71 7.74 -9.37
C LEU B 519 26.28 6.99 -10.63
N ILE B 520 25.08 7.29 -11.15
CA ILE B 520 24.62 6.64 -12.37
C ILE B 520 25.57 6.94 -13.52
N GLN B 521 26.07 8.17 -13.60
CA GLN B 521 26.98 8.54 -14.68
C GLN B 521 28.31 7.80 -14.59
N VAL B 522 28.61 7.15 -13.48
CA VAL B 522 29.91 6.52 -13.25
C VAL B 522 29.83 5.00 -13.29
N ALA B 523 28.77 4.41 -12.73
CA ALA B 523 28.69 2.97 -12.58
C ALA B 523 28.73 2.28 -13.94
N LYS B 524 29.57 1.24 -14.05
CA LYS B 524 29.74 0.49 -15.29
C LYS B 524 29.80 -0.99 -14.98
N VAL B 525 29.21 -1.80 -15.87
CA VAL B 525 29.22 -3.25 -15.73
C VAL B 525 29.18 -3.85 -17.13
N SER B 526 29.75 -5.04 -17.28
CA SER B 526 29.86 -5.71 -18.57
C SER B 526 28.81 -6.81 -18.68
N VAL B 527 28.21 -6.92 -19.86
CA VAL B 527 27.17 -7.90 -20.13
C VAL B 527 27.50 -8.63 -21.43
N GLN B 528 27.08 -9.88 -21.52
CA GLN B 528 27.32 -10.71 -22.70
C GLN B 528 26.00 -11.02 -23.39
N GLY B 529 26.03 -11.00 -24.73
CA GLY B 529 24.83 -11.26 -25.49
C GLY B 529 25.16 -11.50 -26.95
N VAL B 530 24.14 -11.90 -27.70
CA VAL B 530 24.27 -12.20 -29.12
C VAL B 530 23.53 -11.14 -29.91
N ASP B 531 24.01 -10.91 -31.14
CA ASP B 531 23.20 -10.00 -31.96
C ASP B 531 22.33 -10.82 -32.91
N PRO B 532 21.10 -10.37 -33.21
CA PRO B 532 20.24 -11.18 -34.06
C PRO B 532 20.45 -11.02 -35.56
N VAL B 533 21.38 -10.18 -36.01
CA VAL B 533 21.70 -10.10 -37.43
C VAL B 533 22.43 -11.37 -37.87
N THR B 534 23.45 -11.77 -37.10
CA THR B 534 24.31 -12.89 -37.47
C THR B 534 24.39 -13.98 -36.41
N LYS B 535 23.64 -13.86 -35.31
CA LYS B 535 23.69 -14.82 -34.21
C LYS B 535 25.11 -15.00 -33.71
N ALA B 536 25.82 -13.89 -33.56
CA ALA B 536 27.21 -13.89 -33.12
C ALA B 536 27.27 -13.41 -31.66
N LYS B 537 27.91 -14.21 -30.81
CA LYS B 537 28.00 -13.86 -29.39
C LYS B 537 29.09 -12.81 -29.20
N VAL B 538 28.72 -11.69 -28.58
CA VAL B 538 29.62 -10.55 -28.39
C VAL B 538 29.51 -10.07 -26.95
N HIS B 539 30.47 -9.25 -26.55
CA HIS B 539 30.53 -8.70 -25.20
C HIS B 539 30.52 -7.18 -25.27
N GLY B 540 29.99 -6.57 -24.20
CA GLY B 540 29.95 -5.13 -24.10
C GLY B 540 29.64 -4.68 -22.70
N GLU B 541 30.10 -3.48 -22.38
CA GLU B 541 29.87 -2.88 -21.07
C GLU B 541 28.77 -1.84 -21.17
N ALA B 542 27.99 -1.72 -20.09
CA ALA B 542 26.86 -0.80 -20.03
C ALA B 542 26.84 -0.16 -18.64
N PRO B 543 26.23 1.01 -18.51
CA PRO B 543 26.04 1.59 -17.18
C PRO B 543 25.19 0.68 -16.32
N ALA B 544 25.57 0.59 -15.03
CA ALA B 544 24.88 -0.32 -14.12
C ALA B 544 23.45 0.10 -13.85
N PHE B 545 23.21 1.40 -13.70
CA PHE B 545 21.89 1.93 -13.41
C PHE B 545 21.39 2.77 -14.59
N ALA B 546 20.09 2.69 -14.84
CA ALA B 546 19.47 3.46 -15.91
C ALA B 546 18.11 3.94 -15.44
N HIS B 547 17.96 5.26 -15.30
CA HIS B 547 16.71 5.85 -14.87
C HIS B 547 15.69 5.79 -15.99
N GLY B 548 14.48 5.32 -15.68
CA GLY B 548 13.43 5.20 -16.67
C GLY B 548 12.07 5.43 -16.03
N TYR B 549 11.03 5.31 -16.84
CA TYR B 549 9.66 5.52 -16.40
C TYR B 549 8.82 4.29 -16.73
N GLN B 550 7.72 4.14 -16.01
CA GLN B 550 6.77 3.06 -16.24
C GLN B 550 5.37 3.61 -16.04
N TYR B 551 4.37 2.78 -16.35
CA TYR B 551 2.97 3.17 -16.26
C TYR B 551 2.20 2.17 -15.42
N HIS B 552 1.16 2.66 -14.75
CA HIS B 552 0.23 1.80 -14.03
C HIS B 552 -1.10 2.55 -13.90
N ASN B 553 -2.12 2.06 -14.61
CA ASN B 553 -3.44 2.68 -14.60
C ASN B 553 -3.36 4.15 -14.99
N GLY B 554 -2.49 4.45 -15.94
CA GLY B 554 -2.31 5.81 -16.40
C GLY B 554 -1.63 6.70 -15.38
N SER B 555 -0.38 6.40 -15.05
CA SER B 555 0.39 7.22 -14.12
C SER B 555 1.87 6.87 -14.27
N LYS B 556 2.70 7.89 -14.42
CA LYS B 556 4.13 7.67 -14.58
C LYS B 556 4.78 7.37 -13.23
N LEU B 557 5.70 6.42 -13.22
CA LEU B 557 6.48 6.09 -12.03
C LEU B 557 7.95 6.19 -12.38
N GLY B 558 8.64 7.19 -11.86
CA GLY B 558 10.06 7.32 -12.07
C GLY B 558 10.77 6.20 -11.34
N VAL B 559 11.36 5.26 -12.08
CA VAL B 559 11.94 4.07 -11.48
C VAL B 559 13.41 4.01 -11.85
N LEU B 560 14.22 3.53 -10.90
CA LEU B 560 15.61 3.22 -11.16
C LEU B 560 15.74 1.74 -11.45
N LYS B 561 16.69 1.39 -12.33
CA LYS B 561 16.83 0.03 -12.81
C LYS B 561 18.26 -0.44 -12.62
N ILE B 562 18.41 -1.64 -12.06
CA ILE B 562 19.71 -2.23 -11.78
C ILE B 562 19.92 -3.41 -12.71
N HIS B 563 21.14 -3.51 -13.26
CA HIS B 563 21.42 -4.46 -14.31
C HIS B 563 21.32 -5.89 -13.82
N LYS B 564 20.94 -6.79 -14.74
CA LYS B 564 20.83 -8.20 -14.39
C LYS B 564 22.19 -8.77 -13.98
N THR B 565 23.28 -8.27 -14.56
CA THR B 565 24.60 -8.70 -14.14
C THR B 565 24.85 -8.35 -12.68
N LEU B 566 24.45 -7.15 -12.26
CA LEU B 566 24.57 -6.78 -10.85
C LEU B 566 23.69 -7.66 -9.98
N ILE B 567 22.44 -7.90 -10.41
CA ILE B 567 21.53 -8.71 -9.60
C ILE B 567 22.08 -10.12 -9.42
N ARG B 568 22.79 -10.63 -10.43
CA ARG B 568 23.36 -11.97 -10.35
C ARG B 568 24.27 -12.14 -9.15
N GLN B 569 24.96 -11.07 -8.73
CA GLN B 569 25.80 -11.17 -7.54
C GLN B 569 25.08 -10.65 -6.30
N LEU B 570 24.21 -9.66 -6.44
CA LEU B 570 23.46 -9.16 -5.30
C LEU B 570 22.50 -10.20 -4.74
N ASN B 571 22.16 -11.24 -5.52
CA ASN B 571 21.40 -12.36 -4.99
C ASN B 571 22.25 -13.30 -4.15
N GLY B 572 23.57 -13.26 -4.31
CA GLY B 572 24.42 -14.23 -3.66
C GLY B 572 24.48 -14.07 -2.16
N GLU B 573 24.97 -15.12 -1.51
CA GLU B 573 25.08 -15.13 -0.06
C GLU B 573 26.15 -14.17 0.45
N ARG B 574 26.97 -13.62 -0.43
CA ARG B 574 27.91 -12.57 -0.04
C ARG B 574 27.24 -11.21 0.08
N LEU B 575 25.91 -11.15 -0.06
CA LEU B 575 25.20 -9.90 0.20
C LEU B 575 25.44 -9.42 1.63
N ILE B 576 25.57 -10.35 2.57
CA ILE B 576 25.86 -9.98 3.95
C ILE B 576 27.22 -9.32 4.06
N ALA B 577 28.21 -9.85 3.33
CA ALA B 577 29.54 -9.24 3.36
C ALA B 577 29.54 -7.88 2.67
N SER B 578 28.82 -7.77 1.54
CA SER B 578 28.83 -6.52 0.79
C SER B 578 28.08 -5.42 1.52
N VAL B 579 26.99 -5.76 2.20
CA VAL B 579 26.15 -4.80 2.92
C VAL B 579 25.95 -5.32 4.33
N GLN B 580 26.33 -4.50 5.33
CA GLN B 580 26.26 -4.93 6.70
C GLN B 580 25.11 -4.26 7.45
N PRO B 581 24.39 -5.00 8.29
CA PRO B 581 23.30 -4.38 9.06
C PRO B 581 23.82 -3.37 10.06
N GLN B 582 22.97 -2.40 10.38
CA GLN B 582 23.29 -1.39 11.38
C GLN B 582 22.76 -1.73 12.76
N LEU B 583 21.59 -2.36 12.82
CA LEU B 583 20.95 -2.73 14.09
C LEU B 583 20.83 -4.25 14.14
N LEU B 584 21.44 -4.85 15.15
CA LEU B 584 21.52 -6.30 15.31
C LEU B 584 21.53 -6.64 16.79
N PRO B 585 21.15 -7.87 17.14
CA PRO B 585 21.01 -8.23 18.56
C PRO B 585 22.30 -8.02 19.34
N MET B 586 22.16 -7.65 20.61
CA MET B 586 23.28 -7.24 21.44
C MET B 586 23.74 -8.39 22.33
N LEU B 587 25.03 -8.39 22.67
CA LEU B 587 25.55 -9.38 23.60
C LEU B 587 25.65 -8.84 25.02
N VAL B 588 25.85 -7.53 25.18
CA VAL B 588 25.97 -6.91 26.49
C VAL B 588 24.61 -6.38 26.92
N GLU B 589 24.43 -6.29 28.23
CA GLU B 589 23.15 -5.83 28.79
C GLU B 589 22.83 -4.42 28.29
N PRO B 590 21.63 -4.20 27.77
CA PRO B 590 21.26 -2.85 27.32
C PRO B 590 21.14 -1.87 28.47
N LYS B 591 21.41 -0.61 28.18
CA LYS B 591 21.24 0.44 29.16
C LYS B 591 19.75 0.61 29.46
N PRO B 592 19.35 0.64 30.73
CA PRO B 592 17.92 0.70 31.04
C PRO B 592 17.29 2.01 30.60
N TRP B 593 15.99 1.97 30.38
CA TRP B 593 15.23 3.12 29.90
C TRP B 593 15.06 4.13 31.02
N VAL B 594 15.66 5.32 30.86
CA VAL B 594 15.52 6.42 31.79
C VAL B 594 15.04 7.68 31.09
N ASN B 595 15.77 8.12 30.07
CA ASN B 595 15.41 9.28 29.27
C ASN B 595 15.04 8.82 27.86
N TRP B 596 14.03 9.47 27.27
CA TRP B 596 13.59 9.09 25.94
C TRP B 596 14.66 9.32 24.89
N ARG B 597 15.64 10.17 25.15
CA ARG B 597 16.72 10.45 24.22
C ARG B 597 17.96 9.60 24.45
N SER B 598 17.97 8.76 25.47
CA SER B 598 19.14 7.94 25.81
C SER B 598 18.68 6.61 26.35
N GLY B 599 18.84 5.55 25.56
CA GLY B 599 18.48 4.22 26.00
C GLY B 599 18.64 3.23 24.87
N GLY B 600 18.35 1.97 25.18
CA GLY B 600 18.45 0.91 24.21
C GLY B 600 19.88 0.55 23.84
N TYR B 601 20.28 0.84 22.61
CA TYR B 601 21.65 0.57 22.19
C TYR B 601 22.63 1.44 22.96
N HIS B 602 23.84 0.92 23.13
CA HIS B 602 24.87 1.67 23.85
C HIS B 602 25.28 2.93 23.09
N TYR B 603 25.41 2.84 21.76
CA TYR B 603 25.89 3.96 20.95
C TYR B 603 24.85 4.51 19.98
N THR B 604 23.67 3.90 19.89
CA THR B 604 22.66 4.33 18.93
C THR B 604 21.48 4.93 19.67
N GLN B 605 21.16 6.19 19.36
CA GLN B 605 20.02 6.85 19.97
C GLN B 605 18.72 6.35 19.36
N SER B 606 17.72 6.16 20.20
CA SER B 606 16.39 5.77 19.75
C SER B 606 15.35 6.44 20.62
N THR B 607 14.17 6.64 20.05
CA THR B 607 13.04 7.22 20.77
C THR B 607 12.22 6.11 21.41
N LEU B 608 11.58 6.45 22.54
CA LEU B 608 10.72 5.48 23.20
C LEU B 608 9.52 5.12 22.33
N LEU B 609 8.95 6.11 21.64
CA LEU B 609 7.83 5.88 20.74
C LEU B 609 8.31 5.86 19.29
N ARG B 610 7.64 5.07 18.47
CA ARG B 610 7.92 5.03 17.03
C ARG B 610 6.99 6.00 16.31
N THR B 611 7.27 7.28 16.52
CA THR B 611 6.48 8.37 15.94
C THR B 611 6.81 8.48 14.46
N LYS B 612 5.95 7.90 13.61
CA LYS B 612 6.22 7.85 12.18
C LYS B 612 6.26 9.24 11.54
N ASP B 613 5.13 9.96 11.55
CA ASP B 613 5.02 11.19 10.78
C ASP B 613 4.20 12.24 11.54
N SER B 614 4.51 12.45 12.81
CA SER B 614 3.82 13.51 13.55
C SER B 614 4.71 14.04 14.67
N PRO B 615 4.78 15.36 14.85
CA PRO B 615 5.59 15.91 15.95
C PRO B 615 4.81 16.11 17.23
N GLU B 616 3.48 16.07 17.16
CA GLU B 616 2.67 16.26 18.36
C GLU B 616 2.87 15.11 19.34
N GLN B 617 2.94 13.88 18.84
CA GLN B 617 3.21 12.74 19.70
C GLN B 617 4.58 12.86 20.37
N VAL B 618 5.58 13.31 19.60
CA VAL B 618 6.91 13.52 20.17
C VAL B 618 6.87 14.56 21.27
N ALA B 619 6.18 15.68 21.03
CA ALA B 619 6.11 16.74 22.03
C ALA B 619 5.42 16.26 23.29
N TYR B 620 4.30 15.53 23.15
CA TYR B 620 3.58 15.06 24.33
C TYR B 620 4.40 14.00 25.09
N LEU B 621 5.08 13.12 24.36
CA LEU B 621 5.94 12.13 25.03
C LEU B 621 7.08 12.83 25.77
N LYS B 622 7.68 13.85 25.17
CA LYS B 622 8.76 14.58 25.84
C LYS B 622 8.24 15.29 27.08
N ALA B 623 7.05 15.87 27.01
CA ALA B 623 6.46 16.51 28.18
C ALA B 623 6.21 15.49 29.29
N ALA B 624 5.69 14.31 28.92
CA ALA B 624 5.47 13.27 29.92
C ALA B 624 6.77 12.80 30.54
N SER B 625 7.81 12.65 29.72
CA SER B 625 9.11 12.22 30.23
C SER B 625 9.69 13.26 31.19
N ASP B 626 9.58 14.54 30.83
CA ASP B 626 10.07 15.59 31.72
C ASP B 626 9.30 15.62 33.03
N ASN B 627 7.97 15.45 32.97
CA ASN B 627 7.17 15.41 34.20
C ASN B 627 7.54 14.22 35.06
N GLY B 628 7.77 13.05 34.44
CA GLY B 628 8.12 11.86 35.18
C GLY B 628 6.96 10.95 35.53
N ASP B 629 6.02 10.76 34.61
CA ASP B 629 4.83 9.96 34.88
C ASP B 629 4.89 8.57 34.23
N ILE B 630 6.02 8.17 33.68
CA ILE B 630 6.12 6.91 32.94
C ILE B 630 7.24 6.04 33.48
N ASP B 631 7.53 6.19 34.78
CA ASP B 631 8.57 5.36 35.39
C ASP B 631 8.18 3.88 35.35
N ARG B 632 6.89 3.58 35.51
CA ARG B 632 6.43 2.21 35.38
C ARG B 632 6.66 1.66 33.98
N VAL B 633 6.44 2.49 32.95
CA VAL B 633 6.73 2.10 31.59
C VAL B 633 8.22 1.83 31.42
N TYR B 634 9.06 2.68 31.99
CA TYR B 634 10.50 2.46 31.94
C TYR B 634 10.86 1.11 32.57
N ASP B 635 10.29 0.83 33.73
CA ASP B 635 10.58 -0.43 34.42
C ASP B 635 10.14 -1.64 33.59
N GLY B 636 8.95 -1.57 33.02
CA GLY B 636 8.47 -2.68 32.21
C GLY B 636 9.33 -2.92 30.98
N LEU B 637 9.73 -1.84 30.31
CA LEU B 637 10.61 -1.99 29.14
C LEU B 637 11.96 -2.56 29.54
N ASN B 638 12.50 -2.12 30.67
CA ASN B 638 13.77 -2.68 31.14
C ASN B 638 13.65 -4.17 31.43
N VAL B 639 12.54 -4.58 32.05
CA VAL B 639 12.34 -6.00 32.32
C VAL B 639 12.26 -6.78 31.02
N LEU B 640 11.49 -6.28 30.05
CA LEU B 640 11.39 -6.97 28.77
C LEU B 640 12.74 -7.08 28.08
N GLY B 641 13.53 -6.02 28.11
CA GLY B 641 14.80 -5.99 27.41
C GLY B 641 16.01 -6.48 28.18
N ARG B 642 15.84 -6.99 29.40
CA ARG B 642 16.98 -7.48 30.16
C ARG B 642 17.15 -8.99 30.12
N THR B 643 16.28 -9.72 29.42
CA THR B 643 16.41 -11.17 29.43
C THR B 643 17.41 -11.64 28.37
N PRO B 644 18.16 -12.70 28.64
CA PRO B 644 19.12 -13.22 27.67
C PRO B 644 18.54 -14.34 26.81
N TRP B 645 19.06 -14.41 25.58
CA TRP B 645 18.70 -15.43 24.62
C TRP B 645 19.96 -16.03 23.99
N THR B 646 19.80 -17.21 23.41
CA THR B 646 20.85 -17.83 22.62
C THR B 646 20.22 -18.68 21.54
N VAL B 647 21.00 -18.98 20.51
CA VAL B 647 20.47 -19.69 19.35
C VAL B 647 20.47 -21.19 19.60
N ASN B 648 19.36 -21.83 19.26
CA ASN B 648 19.24 -23.28 19.38
C ASN B 648 20.16 -23.95 18.38
N ARG B 649 21.24 -24.57 18.87
CA ARG B 649 22.28 -25.07 17.97
C ARG B 649 21.78 -26.24 17.12
N LYS B 650 21.02 -27.16 17.73
CA LYS B 650 20.57 -28.34 16.98
C LYS B 650 19.55 -27.96 15.91
N VAL B 651 18.58 -27.14 16.27
CA VAL B 651 17.58 -26.69 15.30
C VAL B 651 18.24 -25.85 14.22
N PHE B 652 19.26 -25.06 14.60
CA PHE B 652 20.00 -24.30 13.61
C PHE B 652 20.71 -25.22 12.63
N ASP B 653 21.31 -26.30 13.13
CA ASP B 653 21.95 -27.26 12.23
C ASP B 653 20.94 -27.88 11.29
N VAL B 654 19.77 -28.24 11.80
CA VAL B 654 18.74 -28.83 10.94
C VAL B 654 18.31 -27.84 9.86
N VAL B 655 18.10 -26.59 10.24
CA VAL B 655 17.69 -25.57 9.28
C VAL B 655 18.78 -25.37 8.23
N SER B 656 20.04 -25.34 8.66
CA SER B 656 21.14 -25.15 7.71
C SER B 656 21.20 -26.31 6.71
N GLN B 657 21.04 -27.54 7.19
CA GLN B 657 21.03 -28.67 6.27
C GLN B 657 19.87 -28.59 5.28
N VAL B 658 18.68 -28.24 5.76
CA VAL B 658 17.53 -28.16 4.88
C VAL B 658 17.73 -27.05 3.84
N TRP B 659 18.30 -25.92 4.26
CA TRP B 659 18.53 -24.82 3.32
C TRP B 659 19.60 -25.19 2.30
N ASN B 660 20.68 -25.84 2.74
CA ASN B 660 21.73 -26.26 1.81
C ASN B 660 21.24 -27.33 0.85
N LYS B 661 20.22 -28.11 1.23
CA LYS B 661 19.65 -29.07 0.29
C LYS B 661 19.07 -28.37 -0.93
N GLY B 662 18.37 -27.26 -0.73
CA GLY B 662 17.83 -26.48 -1.82
C GLY B 662 16.41 -26.82 -2.21
N GLU B 663 15.83 -27.88 -1.63
CA GLU B 663 14.46 -28.25 -1.96
C GLU B 663 13.47 -27.36 -1.20
N GLY B 664 12.24 -27.30 -1.71
CA GLY B 664 11.21 -26.51 -1.08
C GLY B 664 10.67 -27.14 0.18
N PHE B 665 10.99 -26.55 1.33
CA PHE B 665 10.60 -27.09 2.62
C PHE B 665 9.27 -26.45 3.04
N LEU B 666 8.89 -26.61 4.31
CA LEU B 666 7.59 -26.12 4.77
C LEU B 666 7.44 -24.62 4.53
N ASP B 667 8.41 -23.82 4.97
CA ASP B 667 8.36 -22.38 4.77
C ASP B 667 9.52 -21.83 3.96
N ILE B 668 10.60 -22.59 3.78
CA ILE B 668 11.67 -22.15 2.89
C ILE B 668 11.20 -22.27 1.45
N PRO B 669 11.28 -21.20 0.64
CA PRO B 669 10.74 -21.30 -0.72
C PRO B 669 11.53 -22.23 -1.63
N GLY B 670 12.84 -22.28 -1.47
CA GLY B 670 13.70 -23.09 -2.32
C GLY B 670 14.61 -22.24 -3.18
N ALA B 671 15.15 -22.88 -4.21
CA ALA B 671 16.10 -22.23 -5.11
C ALA B 671 15.62 -22.41 -6.55
N GLN B 672 15.44 -21.29 -7.25
CA GLN B 672 15.15 -21.28 -8.68
C GLN B 672 15.92 -20.13 -9.31
N ASP B 673 16.35 -20.33 -10.56
CA ASP B 673 17.26 -19.40 -11.21
C ASP B 673 16.60 -18.55 -12.30
N GLU B 674 15.66 -19.10 -13.06
CA GLU B 674 15.00 -18.35 -14.13
C GLU B 674 13.50 -18.57 -14.08
N MET B 675 12.77 -17.59 -14.61
CA MET B 675 11.32 -17.67 -14.64
C MET B 675 10.87 -18.68 -15.68
N VAL B 676 9.68 -19.23 -15.46
CA VAL B 676 9.06 -20.18 -16.39
C VAL B 676 7.81 -19.49 -16.93
N LEU B 677 7.95 -18.82 -18.07
CA LEU B 677 6.83 -18.13 -18.67
C LEU B 677 6.17 -19.02 -19.72
N PRO B 678 4.84 -19.10 -19.71
CA PRO B 678 4.14 -19.93 -20.69
C PRO B 678 4.32 -19.38 -22.09
N PRO B 679 4.18 -20.23 -23.12
CA PRO B 679 4.38 -19.76 -24.49
C PRO B 679 3.39 -18.67 -24.86
N ALA B 680 3.87 -17.70 -25.64
CA ALA B 680 3.03 -16.57 -26.04
C ALA B 680 1.94 -17.05 -27.00
N PRO B 681 0.71 -16.57 -26.82
CA PRO B 681 -0.36 -16.94 -27.75
C PRO B 681 -0.16 -16.26 -29.10
N PRO B 682 -0.82 -16.75 -30.14
CA PRO B 682 -0.69 -16.09 -31.45
C PRO B 682 -1.20 -14.66 -31.40
N LYS B 683 -0.54 -13.79 -32.16
CA LYS B 683 -0.90 -12.38 -32.16
C LYS B 683 -2.31 -12.13 -32.68
N ASN B 684 -2.90 -13.09 -33.39
CA ASN B 684 -4.24 -12.97 -33.91
C ASN B 684 -5.30 -13.49 -32.94
N SER B 685 -4.91 -13.89 -31.74
CA SER B 685 -5.86 -14.44 -30.78
C SER B 685 -6.68 -13.31 -30.15
N ASP B 686 -7.76 -13.70 -29.50
CA ASP B 686 -8.71 -12.74 -28.98
C ASP B 686 -8.07 -11.87 -27.90
N PRO B 687 -8.50 -10.61 -27.78
CA PRO B 687 -7.95 -9.75 -26.72
C PRO B 687 -8.22 -10.28 -25.33
N SER B 688 -9.31 -11.01 -25.11
CA SER B 688 -9.52 -11.66 -23.82
C SER B 688 -8.44 -12.68 -23.54
N ILE B 689 -8.07 -13.48 -24.54
CA ILE B 689 -7.00 -14.46 -24.37
C ILE B 689 -5.67 -13.76 -24.11
N LEU B 690 -5.40 -12.67 -24.83
CA LEU B 690 -4.17 -11.93 -24.61
C LEU B 690 -4.12 -11.34 -23.20
N ARG B 691 -5.25 -10.81 -22.73
CA ARG B 691 -5.30 -10.27 -21.36
C ARG B 691 -5.09 -11.37 -20.33
N ALA B 692 -5.67 -12.55 -20.56
CA ALA B 692 -5.45 -13.67 -19.65
C ALA B 692 -3.99 -14.07 -19.63
N TRP B 693 -3.34 -14.10 -20.79
CA TRP B 693 -1.92 -14.42 -20.84
C TRP B 693 -1.08 -13.39 -20.11
N LYS B 694 -1.40 -12.11 -20.27
CA LYS B 694 -0.65 -11.06 -19.57
C LYS B 694 -0.86 -11.17 -18.07
N LEU B 695 -2.08 -11.50 -17.63
CA LEU B 695 -2.33 -11.71 -16.22
C LEU B 695 -1.54 -12.89 -15.68
N GLN B 696 -1.46 -13.97 -16.46
CA GLN B 696 -0.65 -15.11 -16.05
C GLN B 696 0.82 -14.73 -15.92
N VAL B 697 1.32 -13.93 -16.87
CA VAL B 697 2.72 -13.50 -16.79
C VAL B 697 2.95 -12.66 -15.54
N LYS B 698 2.01 -11.75 -15.25
CA LYS B 698 2.14 -10.92 -14.05
C LYS B 698 2.12 -11.79 -12.79
N THR B 699 1.23 -12.78 -12.75
CA THR B 699 1.17 -13.67 -11.58
C THR B 699 2.46 -14.46 -11.42
N ILE B 700 3.02 -14.96 -12.52
CA ILE B 700 4.28 -15.70 -12.45
C ILE B 700 5.39 -14.81 -11.95
N ALA B 701 5.48 -13.59 -12.47
CA ALA B 701 6.51 -12.66 -12.00
C ALA B 701 6.34 -12.35 -10.52
N ASN B 702 5.09 -12.15 -10.08
CA ASN B 702 4.82 -11.89 -8.67
C ASN B 702 5.30 -13.05 -7.81
N LYS B 703 4.90 -14.28 -8.16
CA LYS B 703 5.27 -15.44 -7.36
C LYS B 703 6.78 -15.62 -7.32
N PHE B 704 7.44 -15.46 -8.47
CA PHE B 704 8.88 -15.62 -8.54
C PHE B 704 9.60 -14.58 -7.68
N SER B 705 9.17 -13.32 -7.77
CA SER B 705 9.78 -12.27 -6.95
C SER B 705 9.55 -12.50 -5.47
N SER B 706 8.34 -12.92 -5.09
CA SER B 706 8.06 -13.18 -3.68
C SER B 706 8.90 -14.33 -3.15
N ASP B 707 9.05 -15.41 -3.94
CA ASP B 707 9.88 -16.52 -3.53
C ASP B 707 11.33 -16.12 -3.40
N ARG B 708 11.83 -15.29 -4.34
CA ARG B 708 13.20 -14.79 -4.20
C ARG B 708 13.36 -13.96 -2.93
N SER B 709 12.38 -13.12 -2.62
CA SER B 709 12.47 -12.30 -1.42
C SER B 709 12.45 -13.16 -0.15
N ASN B 710 11.60 -14.18 -0.12
CA ASN B 710 11.57 -15.09 1.02
C ASN B 710 12.90 -15.81 1.18
N ARG B 711 13.48 -16.29 0.07
CA ARG B 711 14.77 -16.96 0.14
C ARG B 711 15.87 -16.02 0.63
N CYS B 712 15.88 -14.79 0.14
CA CYS B 712 16.90 -13.84 0.56
C CYS B 712 16.75 -13.50 2.05
N ASP B 713 15.52 -13.32 2.52
CA ASP B 713 15.30 -13.02 3.93
C ASP B 713 15.73 -14.19 4.81
N THR B 714 15.39 -15.42 4.39
CA THR B 714 15.79 -16.59 5.17
C THR B 714 17.31 -16.74 5.20
N ASN B 715 17.97 -16.49 4.06
CA ASN B 715 19.43 -16.54 4.03
C ASN B 715 20.03 -15.51 4.97
N TYR B 716 19.46 -14.30 4.97
CA TYR B 716 19.95 -13.25 5.86
C TYR B 716 19.78 -13.66 7.33
N LYS B 717 18.62 -14.23 7.65
CA LYS B 717 18.35 -14.68 9.02
C LYS B 717 19.32 -15.76 9.45
N LEU B 718 19.55 -16.75 8.58
CA LEU B 718 20.51 -17.81 8.90
C LEU B 718 21.92 -17.28 9.00
N GLU B 719 22.28 -16.28 8.21
CA GLU B 719 23.61 -15.69 8.34
C GLU B 719 23.78 -15.04 9.71
N ILE B 720 22.76 -14.30 10.16
CA ILE B 720 22.84 -13.72 11.50
C ILE B 720 22.92 -14.81 12.56
N ALA B 721 22.10 -15.84 12.42
CA ALA B 721 22.11 -16.92 13.41
C ALA B 721 23.46 -17.62 13.47
N ARG B 722 24.07 -17.87 12.31
CA ARG B 722 25.40 -18.48 12.29
C ARG B 722 26.44 -17.56 12.90
N ALA B 723 26.34 -16.25 12.63
CA ALA B 723 27.26 -15.31 13.24
C ALA B 723 27.07 -15.19 14.75
N PHE B 724 25.90 -15.60 15.26
CA PHE B 724 25.61 -15.51 16.69
C PHE B 724 25.38 -16.88 17.31
N LEU B 725 26.02 -17.91 16.79
CA LEU B 725 25.83 -19.25 17.32
C LEU B 725 26.53 -19.40 18.66
N GLY B 726 25.83 -19.97 19.63
CA GLY B 726 26.40 -20.24 20.94
C GLY B 726 26.35 -19.07 21.90
N GLU B 727 26.67 -17.88 21.41
CA GLU B 727 26.76 -16.71 22.28
C GLU B 727 25.37 -16.27 22.74
N LYS B 728 25.34 -15.47 23.81
CA LYS B 728 24.10 -14.94 24.34
C LYS B 728 23.77 -13.61 23.68
N LEU B 729 22.49 -13.41 23.36
CA LEU B 729 22.04 -12.24 22.64
C LEU B 729 20.91 -11.55 23.39
N TYR B 730 20.89 -10.22 23.34
CA TYR B 730 19.94 -9.40 24.05
C TYR B 730 19.06 -8.63 23.07
N PHE B 731 17.83 -8.35 23.48
CA PHE B 731 16.86 -7.64 22.65
C PHE B 731 16.37 -6.38 23.35
N PRO B 732 16.98 -5.22 23.08
CA PRO B 732 16.38 -3.96 23.55
C PRO B 732 15.02 -3.76 22.92
N HIS B 733 14.11 -3.14 23.69
CA HIS B 733 12.73 -3.00 23.28
C HIS B 733 12.33 -1.53 23.20
N ASN B 734 11.68 -1.16 22.11
CA ASN B 734 11.06 0.14 21.93
C ASN B 734 9.55 0.01 22.05
N LEU B 735 8.84 1.10 21.79
CA LEU B 735 7.40 1.14 21.99
C LEU B 735 6.80 1.94 20.84
N ASP B 736 5.56 1.61 20.47
CA ASP B 736 4.84 2.39 19.48
C ASP B 736 3.88 3.34 20.17
N PHE B 737 3.33 4.28 19.39
CA PHE B 737 2.49 5.33 19.97
C PHE B 737 1.30 4.74 20.70
N ARG B 738 0.75 3.64 20.20
CA ARG B 738 -0.44 3.04 20.81
C ARG B 738 -0.09 2.25 22.06
N GLY B 739 1.19 2.03 22.34
CA GLY B 739 1.63 1.52 23.62
C GLY B 739 2.18 0.10 23.63
N ARG B 740 2.22 -0.59 22.50
CA ARG B 740 2.69 -1.97 22.47
C ARG B 740 4.18 -2.05 22.16
N ALA B 741 4.83 -3.09 22.68
CA ALA B 741 6.28 -3.16 22.71
C ALA B 741 6.84 -3.92 21.52
N TYR B 742 7.96 -3.44 20.99
CA TYR B 742 8.64 -4.03 19.86
C TYR B 742 10.14 -3.94 20.09
N PRO B 743 10.92 -4.86 19.52
CA PRO B 743 12.38 -4.81 19.67
C PRO B 743 13.03 -3.80 18.72
N LEU B 744 14.33 -3.63 18.91
CA LEU B 744 15.13 -2.75 18.06
C LEU B 744 15.94 -3.52 17.03
N SER B 745 15.66 -4.81 16.84
CA SER B 745 16.35 -5.64 15.86
C SER B 745 15.31 -6.17 14.88
N PRO B 746 15.05 -5.44 13.79
CA PRO B 746 14.02 -5.88 12.84
C PRO B 746 14.31 -7.20 12.17
N HIS B 747 15.58 -7.59 12.07
CA HIS B 747 15.95 -8.76 11.28
C HIS B 747 15.74 -10.04 12.07
N PHE B 748 16.46 -10.20 13.19
CA PHE B 748 16.36 -11.39 14.02
C PHE B 748 15.74 -11.01 15.36
N ASN B 749 14.57 -11.56 15.64
CA ASN B 749 13.86 -11.28 16.88
C ASN B 749 12.83 -12.39 17.11
N HIS B 750 12.34 -12.47 18.35
CA HIS B 750 11.36 -13.50 18.68
C HIS B 750 9.95 -13.15 18.17
N LEU B 751 9.73 -11.93 17.70
CA LEU B 751 8.48 -11.55 17.08
C LEU B 751 8.39 -11.97 15.62
N GLY B 752 9.46 -12.55 15.07
CA GLY B 752 9.45 -13.01 13.70
C GLY B 752 8.61 -14.24 13.48
N ASN B 753 8.94 -15.02 12.46
CA ASN B 753 8.16 -16.18 12.09
C ASN B 753 8.56 -17.40 12.93
N ASP B 754 8.03 -18.56 12.54
CA ASP B 754 8.27 -19.78 13.31
C ASP B 754 9.75 -20.15 13.33
N MET B 755 10.45 -19.93 12.21
CA MET B 755 11.88 -20.22 12.19
C MET B 755 12.62 -19.36 13.21
N SER B 756 12.34 -18.07 13.23
CA SER B 756 13.04 -17.17 14.15
C SER B 756 12.70 -17.51 15.59
N ARG B 757 11.46 -17.92 15.86
CA ARG B 757 11.12 -18.31 17.22
C ARG B 757 11.83 -19.60 17.62
N GLY B 758 11.77 -20.62 16.76
CA GLY B 758 12.41 -21.88 17.06
C GLY B 758 13.92 -21.80 17.19
N LEU B 759 14.54 -20.85 16.51
CA LEU B 759 15.98 -20.63 16.64
C LEU B 759 16.36 -19.86 17.89
N LEU B 760 15.43 -19.66 18.83
CA LEU B 760 15.69 -18.83 20.01
C LEU B 760 15.30 -19.59 21.27
N ILE B 761 16.20 -19.57 22.26
CA ILE B 761 15.95 -20.13 23.58
C ILE B 761 16.59 -19.23 24.63
N PHE B 762 16.21 -19.45 25.89
CA PHE B 762 16.76 -18.65 26.97
C PHE B 762 18.16 -19.10 27.32
N TRP B 763 19.07 -18.13 27.47
CA TRP B 763 20.45 -18.46 27.83
C TRP B 763 20.53 -18.99 29.25
N HIS B 764 19.64 -18.56 30.12
CA HIS B 764 19.60 -19.07 31.49
C HIS B 764 18.71 -20.31 31.58
N GLY B 765 19.15 -21.26 32.39
CA GLY B 765 18.43 -22.50 32.57
C GLY B 765 17.97 -22.66 34.00
N LYS B 766 16.80 -23.30 34.17
CA LYS B 766 16.21 -23.51 35.47
C LYS B 766 15.67 -24.94 35.56
N LYS B 767 15.81 -25.54 36.73
CA LYS B 767 15.35 -26.91 36.93
C LYS B 767 13.83 -26.99 36.76
N LEU B 768 13.37 -28.13 36.24
CA LEU B 768 11.96 -28.31 35.96
C LEU B 768 11.13 -28.31 37.24
N GLY B 769 11.61 -28.95 38.30
CA GLY B 769 10.86 -29.06 39.51
C GLY B 769 9.65 -29.96 39.35
N PRO B 770 8.73 -29.92 40.32
CA PRO B 770 7.55 -30.80 40.25
C PRO B 770 6.67 -30.57 39.04
N SER B 771 6.60 -29.35 38.53
CA SER B 771 5.65 -29.00 37.47
C SER B 771 6.30 -28.72 36.12
N GLY B 772 7.64 -28.76 36.03
CA GLY B 772 8.29 -28.41 34.79
C GLY B 772 7.98 -29.38 33.66
N LEU B 773 8.04 -30.69 33.96
CA LEU B 773 7.71 -31.68 32.94
C LEU B 773 6.26 -31.54 32.49
N LYS B 774 5.35 -31.35 33.46
CA LYS B 774 3.95 -31.18 33.12
C LYS B 774 3.73 -29.98 32.22
N TRP B 775 4.40 -28.87 32.53
CA TRP B 775 4.18 -27.67 31.72
C TRP B 775 4.88 -27.74 30.37
N LEU B 776 6.00 -28.44 30.26
CA LEU B 776 6.58 -28.69 28.94
C LEU B 776 5.64 -29.53 28.09
N LYS B 777 5.01 -30.54 28.70
CA LYS B 777 4.04 -31.33 27.96
C LYS B 777 2.83 -30.49 27.56
N ILE B 778 2.39 -29.59 28.45
CA ILE B 778 1.33 -28.64 28.09
C ILE B 778 1.74 -27.79 26.90
N HIS B 779 2.98 -27.30 26.90
CA HIS B 779 3.47 -26.47 25.81
C HIS B 779 3.48 -27.24 24.49
N LEU B 780 3.93 -28.49 24.52
CA LEU B 780 3.92 -29.30 23.31
C LEU B 780 2.50 -29.53 22.82
N SER B 781 1.55 -29.77 23.73
CA SER B 781 0.16 -29.91 23.34
C SER B 781 -0.38 -28.61 22.74
N ASN B 782 0.04 -27.47 23.29
CA ASN B 782 -0.37 -26.18 22.73
C ASN B 782 0.13 -26.02 21.30
N LEU B 783 1.38 -26.41 21.05
CA LEU B 783 1.96 -26.23 19.72
C LEU B 783 1.30 -27.09 18.66
N PHE B 784 0.35 -27.95 19.01
CA PHE B 784 -0.28 -28.86 18.05
C PHE B 784 -1.75 -28.52 17.80
N GLY B 785 -2.19 -27.32 18.16
CA GLY B 785 -3.49 -26.83 17.76
C GLY B 785 -4.66 -27.28 18.60
N PHE B 786 -4.44 -28.08 19.64
CA PHE B 786 -5.51 -28.52 20.53
C PHE B 786 -5.46 -27.72 21.82
N ASP B 787 -6.54 -27.01 22.12
CA ASP B 787 -6.60 -26.15 23.31
C ASP B 787 -7.86 -26.30 24.14
N LYS B 788 -8.97 -26.77 23.56
CA LYS B 788 -10.21 -26.89 24.34
C LYS B 788 -10.11 -27.97 25.41
N LEU B 789 -9.18 -28.90 25.25
CA LEU B 789 -9.00 -29.96 26.23
C LEU B 789 -8.27 -29.41 27.47
N PRO B 790 -8.61 -29.90 28.66
CA PRO B 790 -7.98 -29.39 29.89
C PRO B 790 -6.51 -29.77 30.01
N LEU B 791 -5.88 -29.37 31.12
CA LEU B 791 -4.45 -29.61 31.30
C LEU B 791 -4.14 -31.09 31.41
N LYS B 792 -4.96 -31.85 32.13
CA LYS B 792 -4.74 -33.30 32.22
C LYS B 792 -4.85 -33.95 30.86
N ASP B 793 -5.83 -33.53 30.05
CA ASP B 793 -5.96 -34.09 28.71
C ASP B 793 -4.78 -33.70 27.83
N ARG B 794 -4.25 -32.48 28.00
CA ARG B 794 -3.06 -32.08 27.26
C ARG B 794 -1.87 -32.96 27.63
N VAL B 795 -1.71 -33.24 28.92
CA VAL B 795 -0.63 -34.11 29.36
C VAL B 795 -0.81 -35.51 28.79
N ALA B 796 -2.06 -36.00 28.75
CA ALA B 796 -2.31 -37.31 28.16
C ALA B 796 -1.96 -37.33 26.68
N PHE B 797 -2.33 -36.28 25.95
CA PHE B 797 -2.00 -36.21 24.53
C PHE B 797 -0.49 -36.21 24.32
N THR B 798 0.24 -35.43 25.13
CA THR B 798 1.70 -35.42 25.00
C THR B 798 2.30 -36.77 25.36
N GLU B 799 1.72 -37.45 26.36
CA GLU B 799 2.23 -38.75 26.77
C GLU B 799 1.94 -39.82 25.73
N SER B 800 0.94 -39.61 24.88
CA SER B 800 0.59 -40.62 23.90
C SER B 800 1.66 -40.81 22.83
N HIS B 801 2.51 -39.80 22.59
CA HIS B 801 3.43 -39.81 21.45
C HIS B 801 4.90 -39.74 21.85
N LEU B 802 5.30 -40.45 22.90
CA LEU B 802 6.71 -40.47 23.28
C LEU B 802 7.59 -41.09 22.20
N GLN B 803 7.11 -42.15 21.54
CA GLN B 803 7.91 -42.77 20.48
C GLN B 803 8.11 -41.81 19.32
N ASP B 804 7.07 -41.07 18.94
CA ASP B 804 7.20 -40.10 17.86
C ASP B 804 8.15 -38.96 18.26
N ILE B 805 8.07 -38.51 19.52
CA ILE B 805 9.01 -37.50 19.98
C ILE B 805 10.44 -38.02 19.92
N LYS B 806 10.65 -39.26 20.37
CA LYS B 806 11.98 -39.85 20.34
C LYS B 806 12.51 -39.95 18.92
N ASP B 807 11.67 -40.36 17.98
CA ASP B 807 12.10 -40.43 16.59
C ASP B 807 12.47 -39.05 16.06
N SER B 808 11.56 -38.08 16.21
CA SER B 808 11.78 -36.75 15.68
C SER B 808 12.94 -36.04 16.35
N ALA B 809 13.38 -36.50 17.52
CA ALA B 809 14.53 -35.88 18.16
C ALA B 809 15.84 -36.59 17.84
N GLU B 810 15.83 -37.93 17.82
CA GLU B 810 17.04 -38.68 17.48
C GLU B 810 17.45 -38.40 16.03
N ASN B 811 16.48 -38.40 15.11
CA ASN B 811 16.74 -38.04 13.72
C ASN B 811 15.67 -37.10 13.19
N PRO B 812 15.96 -35.79 13.15
CA PRO B 812 14.95 -34.82 12.68
C PRO B 812 14.50 -35.12 11.26
N LEU B 813 15.46 -35.16 10.32
CA LEU B 813 15.19 -35.58 8.97
C LEU B 813 15.42 -37.10 8.86
N THR B 814 15.21 -37.62 7.65
CA THR B 814 15.41 -39.04 7.36
C THR B 814 14.64 -39.93 8.32
N GLY B 815 13.37 -39.61 8.51
CA GLY B 815 12.53 -40.37 9.40
C GLY B 815 11.06 -40.08 9.17
N ASP B 816 10.27 -40.32 10.22
CA ASP B 816 8.83 -40.06 10.13
C ASP B 816 8.53 -38.58 10.02
N ARG B 817 9.34 -37.73 10.65
CA ARG B 817 9.17 -36.28 10.62
C ARG B 817 7.79 -35.88 11.17
N TRP B 818 7.58 -36.20 12.45
CA TRP B 818 6.32 -35.82 13.09
C TRP B 818 6.28 -34.35 13.47
N TRP B 819 7.43 -33.68 13.54
CA TRP B 819 7.44 -32.27 13.88
C TRP B 819 6.95 -31.39 12.73
N THR B 820 7.04 -31.88 11.49
CA THR B 820 6.56 -31.09 10.35
C THR B 820 5.05 -30.88 10.41
N THR B 821 4.30 -31.90 10.84
CA THR B 821 2.85 -31.78 10.93
C THR B 821 2.42 -31.09 12.21
N ALA B 822 3.02 -29.94 12.50
CA ALA B 822 2.67 -29.13 13.66
C ALA B 822 2.46 -27.69 13.22
N ASP B 823 1.56 -27.01 13.93
CA ASP B 823 1.26 -25.62 13.58
C ASP B 823 2.46 -24.71 13.79
N LYS B 824 3.39 -25.10 14.65
CA LYS B 824 4.63 -24.35 14.87
C LYS B 824 5.78 -25.35 14.79
N PRO B 825 6.26 -25.64 13.57
CA PRO B 825 7.19 -26.77 13.40
C PRO B 825 8.50 -26.65 14.14
N TRP B 826 9.22 -25.55 14.00
CA TRP B 826 10.56 -25.46 14.58
C TRP B 826 10.51 -25.44 16.11
N GLN B 827 9.55 -24.71 16.67
CA GLN B 827 9.38 -24.70 18.12
C GLN B 827 8.99 -26.09 18.62
N ALA B 828 8.12 -26.78 17.88
CA ALA B 828 7.76 -28.14 18.25
C ALA B 828 8.98 -29.06 18.19
N LEU B 829 9.87 -28.83 17.23
CA LEU B 829 11.10 -29.62 17.13
C LEU B 829 11.99 -29.40 18.35
N ALA B 830 12.14 -28.14 18.77
CA ALA B 830 12.93 -27.87 19.98
C ALA B 830 12.30 -28.53 21.21
N THR B 831 10.98 -28.45 21.32
CA THR B 831 10.28 -29.08 22.43
C THR B 831 10.49 -30.59 22.41
N CYS B 832 10.43 -31.20 21.22
CA CYS B 832 10.65 -32.64 21.11
C CYS B 832 12.08 -32.99 21.53
N PHE B 833 13.05 -32.16 21.16
CA PHE B 833 14.42 -32.36 21.62
C PHE B 833 14.48 -32.40 23.13
N GLU B 834 13.87 -31.42 23.80
CA GLU B 834 14.00 -31.35 25.26
C GLU B 834 13.25 -32.49 25.95
N LEU B 835 12.07 -32.87 25.45
CA LEU B 835 11.41 -34.03 26.03
C LEU B 835 12.18 -35.32 25.80
N ASN B 836 12.84 -35.45 24.65
CA ASN B 836 13.71 -36.61 24.47
C ASN B 836 14.83 -36.63 25.50
N GLU B 837 15.44 -35.46 25.74
CA GLU B 837 16.49 -35.38 26.75
C GLU B 837 15.98 -35.77 28.13
N VAL B 838 14.81 -35.25 28.53
CA VAL B 838 14.33 -35.54 29.88
C VAL B 838 13.91 -37.00 30.01
N MET B 839 13.33 -37.58 28.95
CA MET B 839 12.96 -38.98 29.02
C MET B 839 14.17 -39.89 28.99
N LYS B 840 15.30 -39.41 28.48
CA LYS B 840 16.54 -40.15 28.65
C LYS B 840 16.92 -40.27 30.12
N MET B 841 16.72 -39.19 30.88
CA MET B 841 16.99 -39.21 32.31
C MET B 841 15.93 -40.02 33.05
N ASP B 842 16.37 -40.69 34.13
CA ASP B 842 15.43 -41.40 35.00
C ASP B 842 14.67 -40.46 35.92
N ASN B 843 15.29 -39.33 36.30
CA ASN B 843 14.65 -38.36 37.19
C ASN B 843 14.31 -37.10 36.40
N PRO B 844 13.05 -36.91 36.00
CA PRO B 844 12.71 -35.73 35.18
C PRO B 844 12.98 -34.40 35.86
N GLU B 845 12.82 -34.32 37.18
CA GLU B 845 12.83 -33.04 37.87
C GLU B 845 14.24 -32.50 38.12
N GLU B 846 15.26 -33.04 37.47
CA GLU B 846 16.62 -32.53 37.61
C GLU B 846 17.18 -31.94 36.33
N PHE B 847 16.42 -31.98 35.24
CA PHE B 847 16.92 -31.46 33.97
C PHE B 847 16.89 -29.94 33.97
N ILE B 848 17.96 -29.35 33.44
CA ILE B 848 18.04 -27.90 33.25
C ILE B 848 17.63 -27.59 31.82
N SER B 849 16.62 -26.74 31.66
CA SER B 849 15.99 -26.52 30.37
C SER B 849 16.13 -25.06 29.96
N HIS B 850 15.98 -24.81 28.66
CA HIS B 850 16.10 -23.48 28.09
C HIS B 850 14.90 -23.08 27.24
N GLN B 851 13.91 -23.95 27.08
CA GLN B 851 12.82 -23.68 26.16
C GLN B 851 11.76 -22.80 26.82
N PRO B 852 11.46 -21.64 26.25
CA PRO B 852 10.34 -20.83 26.78
C PRO B 852 9.00 -21.53 26.56
N VAL B 853 8.09 -21.34 27.50
CA VAL B 853 6.76 -21.94 27.44
C VAL B 853 5.74 -20.86 27.09
N HIS B 854 4.87 -21.17 26.14
CA HIS B 854 3.86 -20.25 25.65
C HIS B 854 2.68 -20.22 26.59
N GLN B 855 2.42 -19.06 27.19
CA GLN B 855 1.20 -18.79 27.92
C GLN B 855 0.55 -17.55 27.32
N ASP B 856 -0.70 -17.68 26.88
CA ASP B 856 -1.36 -16.62 26.12
C ASP B 856 -2.79 -16.47 26.60
N GLY B 857 -3.32 -15.27 26.40
CA GLY B 857 -4.72 -15.01 26.65
C GLY B 857 -5.48 -14.85 25.35
N THR B 858 -6.45 -15.73 25.10
CA THR B 858 -7.18 -15.72 23.84
C THR B 858 -8.04 -14.47 23.75
N CYS B 859 -7.75 -13.62 22.78
CA CYS B 859 -8.47 -12.38 22.53
C CYS B 859 -8.48 -11.49 23.78
N ASN B 860 -7.27 -11.00 24.11
CA ASN B 860 -7.14 -10.05 25.21
C ASN B 860 -8.04 -8.84 25.00
N GLY B 861 -8.30 -8.46 23.74
CA GLY B 861 -9.27 -7.41 23.49
C GLY B 861 -10.66 -7.79 23.94
N LEU B 862 -11.07 -9.04 23.69
CA LEU B 862 -12.37 -9.50 24.16
C LEU B 862 -12.39 -9.57 25.69
N GLN B 863 -11.29 -9.96 26.31
CA GLN B 863 -11.20 -9.94 27.76
C GLN B 863 -11.42 -8.54 28.30
N HIS B 864 -10.80 -7.54 27.64
CA HIS B 864 -10.96 -6.17 28.09
C HIS B 864 -12.38 -5.66 27.85
N TYR B 865 -13.00 -6.03 26.73
CA TYR B 865 -14.41 -5.74 26.53
C TYR B 865 -15.26 -6.26 27.68
N ALA B 866 -15.12 -7.56 27.98
CA ALA B 866 -15.95 -8.15 29.02
C ALA B 866 -15.69 -7.52 30.37
N ALA B 867 -14.42 -7.25 30.68
CA ALA B 867 -14.08 -6.66 31.96
C ALA B 867 -14.63 -5.25 32.08
N LEU B 868 -14.46 -4.43 31.05
CA LEU B 868 -14.93 -3.05 31.10
C LEU B 868 -16.44 -2.99 31.19
N GLY B 869 -17.14 -3.79 30.39
CA GLY B 869 -18.58 -3.79 30.42
C GLY B 869 -19.20 -4.51 31.60
N GLY B 870 -18.42 -5.29 32.33
CA GLY B 870 -18.97 -6.06 33.43
C GLY B 870 -20.00 -7.07 32.97
N ASP B 871 -19.85 -7.59 31.76
CA ASP B 871 -20.84 -8.49 31.17
C ASP B 871 -20.58 -9.91 31.64
N VAL B 872 -21.60 -10.52 32.26
CA VAL B 872 -21.46 -11.89 32.71
C VAL B 872 -21.34 -12.86 31.53
N GLU B 873 -22.17 -12.65 30.50
CA GLU B 873 -22.16 -13.55 29.35
C GLU B 873 -20.81 -13.53 28.65
N GLY B 874 -20.29 -12.34 28.36
CA GLY B 874 -18.98 -12.25 27.72
C GLY B 874 -17.88 -12.82 28.58
N ALA B 875 -17.93 -12.56 29.88
CA ALA B 875 -16.89 -13.04 30.78
C ALA B 875 -16.88 -14.56 30.85
N THR B 876 -18.07 -15.19 30.96
CA THR B 876 -18.11 -16.64 31.02
C THR B 876 -17.72 -17.27 29.68
N GLN B 877 -18.09 -16.62 28.57
CA GLN B 877 -17.67 -17.13 27.26
C GLN B 877 -16.16 -17.06 27.11
N VAL B 878 -15.54 -15.99 27.61
CA VAL B 878 -14.11 -15.76 27.44
C VAL B 878 -13.31 -16.31 28.62
N ASN B 879 -13.96 -17.07 29.50
CA ASN B 879 -13.34 -17.78 30.62
C ASN B 879 -12.81 -16.85 31.71
N LEU B 880 -13.36 -15.63 31.82
CA LEU B 880 -13.07 -14.83 33.00
C LEU B 880 -13.63 -15.49 34.26
N VAL B 881 -14.86 -15.99 34.19
CA VAL B 881 -15.44 -16.75 35.29
C VAL B 881 -14.76 -18.12 35.35
N PRO B 882 -14.37 -18.59 36.53
CA PRO B 882 -13.77 -19.94 36.62
C PRO B 882 -14.75 -21.00 36.14
N SER B 883 -14.22 -22.02 35.47
CA SER B 883 -15.03 -23.11 34.94
C SER B 883 -14.22 -24.40 35.01
N ASP B 884 -14.85 -25.49 34.58
CA ASP B 884 -14.20 -26.80 34.60
C ASP B 884 -13.27 -27.00 33.41
N LYS B 885 -13.63 -26.49 32.24
CA LYS B 885 -12.84 -26.65 31.04
C LYS B 885 -12.77 -25.31 30.32
N PRO B 886 -11.73 -25.07 29.54
CA PRO B 886 -11.69 -23.85 28.71
C PRO B 886 -12.85 -23.85 27.73
N GLN B 887 -13.43 -22.66 27.54
CA GLN B 887 -14.50 -22.45 26.57
C GLN B 887 -13.95 -21.59 25.43
N ASP B 888 -14.35 -21.93 24.20
CA ASP B 888 -13.81 -21.29 23.01
C ASP B 888 -14.89 -20.44 22.35
N VAL B 889 -14.75 -19.13 22.45
CA VAL B 889 -15.65 -18.22 21.75
C VAL B 889 -15.56 -18.47 20.24
N TYR B 890 -14.36 -18.76 19.74
CA TYR B 890 -14.21 -19.06 18.32
C TYR B 890 -15.00 -20.29 17.94
N ALA B 891 -14.94 -21.35 18.76
CA ALA B 891 -15.69 -22.56 18.46
C ALA B 891 -17.19 -22.30 18.49
N HIS B 892 -17.66 -21.53 19.48
CA HIS B 892 -19.09 -21.26 19.58
C HIS B 892 -19.58 -20.48 18.36
N VAL B 893 -18.87 -19.41 18.00
CA VAL B 893 -19.30 -18.61 16.86
C VAL B 893 -19.13 -19.39 15.56
N ALA B 894 -18.15 -20.31 15.50
CA ALA B 894 -18.02 -21.16 14.32
C ALA B 894 -19.20 -22.10 14.18
N ARG B 895 -19.68 -22.65 15.30
CA ARG B 895 -20.90 -23.47 15.25
C ARG B 895 -22.09 -22.63 14.81
N LEU B 896 -22.18 -21.40 15.29
CA LEU B 896 -23.26 -20.51 14.85
C LEU B 896 -23.18 -20.24 13.34
N VAL B 897 -21.97 -20.03 12.82
CA VAL B 897 -21.81 -19.80 11.39
C VAL B 897 -22.14 -21.05 10.60
N GLN B 898 -21.81 -22.24 11.14
CA GLN B 898 -22.25 -23.48 10.52
C GLN B 898 -23.77 -23.55 10.44
N LYS B 899 -24.45 -23.14 11.51
CA LYS B 899 -25.91 -23.09 11.48
C LYS B 899 -26.41 -22.12 10.40
N ARG B 900 -25.80 -20.95 10.32
CA ARG B 900 -26.22 -19.97 9.31
C ARG B 900 -26.03 -20.51 7.90
N LEU B 901 -24.89 -21.16 7.64
CA LEU B 901 -24.64 -21.71 6.32
C LEU B 901 -25.56 -22.89 6.01
N GLU B 902 -25.91 -23.68 7.02
CA GLU B 902 -26.91 -24.72 6.83
C GLU B 902 -28.25 -24.12 6.42
N ILE B 903 -28.63 -23.03 7.07
CA ILE B 903 -29.88 -22.35 6.70
C ILE B 903 -29.80 -21.84 5.26
N ALA B 904 -28.67 -21.24 4.89
CA ALA B 904 -28.55 -20.59 3.59
C ALA B 904 -28.20 -21.56 2.45
N ALA B 905 -27.88 -22.81 2.76
CA ALA B 905 -27.51 -23.77 1.72
C ALA B 905 -28.68 -24.27 0.89
N GLU B 906 -29.92 -23.90 1.25
CA GLU B 906 -31.08 -24.37 0.49
C GLU B 906 -31.08 -23.84 -0.93
N LYS B 907 -30.28 -22.82 -1.23
CA LYS B 907 -30.17 -22.27 -2.57
C LYS B 907 -29.29 -23.11 -3.49
N GLY B 908 -28.88 -24.29 -3.06
CA GLY B 908 -28.01 -25.13 -3.87
C GLY B 908 -26.63 -24.56 -4.10
N ASP B 909 -26.18 -23.66 -3.24
CA ASP B 909 -24.89 -23.00 -3.42
C ASP B 909 -23.76 -24.00 -3.24
N GLU B 910 -22.83 -24.02 -4.19
CA GLU B 910 -21.70 -24.94 -4.12
C GLU B 910 -20.82 -24.65 -2.92
N ASN B 911 -20.56 -23.37 -2.65
CA ASN B 911 -19.75 -23.00 -1.49
C ASN B 911 -20.43 -23.43 -0.20
N ALA B 912 -21.74 -23.22 -0.09
CA ALA B 912 -22.47 -23.64 1.10
C ALA B 912 -22.42 -25.16 1.27
N LYS B 913 -22.59 -25.90 0.18
CA LYS B 913 -22.53 -27.35 0.25
C LYS B 913 -21.15 -27.82 0.70
N ILE B 914 -20.09 -27.21 0.15
CA ILE B 914 -18.73 -27.65 0.48
C ILE B 914 -18.39 -27.30 1.93
N LEU B 915 -18.70 -26.07 2.35
CA LEU B 915 -18.28 -25.57 3.66
C LEU B 915 -19.31 -25.84 4.75
N LYS B 916 -20.39 -26.56 4.46
CA LYS B 916 -21.35 -26.91 5.49
C LYS B 916 -20.68 -27.72 6.59
N ASP B 917 -19.80 -28.65 6.22
CA ASP B 917 -19.03 -29.43 7.17
C ASP B 917 -17.55 -29.05 7.19
N LYS B 918 -17.20 -27.86 6.71
CA LYS B 918 -15.81 -27.44 6.63
C LYS B 918 -15.53 -26.09 7.29
N ILE B 919 -16.50 -25.50 7.98
CA ILE B 919 -16.27 -24.26 8.71
C ILE B 919 -15.40 -24.57 9.92
N THR B 920 -14.30 -23.82 10.08
CA THR B 920 -13.25 -24.20 11.01
C THR B 920 -12.96 -23.10 12.03
N ARG B 921 -12.39 -23.56 13.15
CA ARG B 921 -11.99 -22.70 14.24
C ARG B 921 -11.05 -21.61 13.77
N LYS B 922 -10.06 -21.97 12.95
CA LYS B 922 -9.06 -20.98 12.54
C LYS B 922 -9.66 -19.87 11.70
N VAL B 923 -10.47 -20.21 10.69
CA VAL B 923 -11.05 -19.18 9.84
C VAL B 923 -11.98 -18.29 10.66
N VAL B 924 -12.85 -18.90 11.47
CA VAL B 924 -13.80 -18.10 12.22
C VAL B 924 -13.11 -17.28 13.29
N LYS B 925 -12.00 -17.79 13.85
CA LYS B 925 -11.25 -17.05 14.86
C LYS B 925 -10.56 -15.84 14.24
N GLN B 926 -9.92 -16.03 13.09
CA GLN B 926 -9.28 -14.90 12.42
C GLN B 926 -10.30 -13.85 12.02
N THR B 927 -11.53 -14.27 11.71
CA THR B 927 -12.56 -13.28 11.45
C THR B 927 -12.99 -12.55 12.72
N VAL B 928 -13.28 -13.30 13.79
CA VAL B 928 -13.90 -12.73 14.99
C VAL B 928 -12.93 -11.84 15.76
N MET B 929 -11.67 -12.28 15.90
CA MET B 929 -10.70 -11.50 16.72
C MET B 929 -10.59 -10.06 16.21
N THR B 930 -10.38 -9.87 14.90
CA THR B 930 -10.35 -8.50 14.34
C THR B 930 -11.75 -7.88 14.34
N ASN B 931 -12.81 -8.67 14.15
CA ASN B 931 -14.19 -8.10 14.04
C ASN B 931 -14.52 -7.36 15.33
N VAL B 932 -14.33 -8.02 16.46
CA VAL B 932 -14.51 -7.33 17.73
C VAL B 932 -13.65 -6.09 17.82
N TYR B 933 -12.54 -6.04 17.07
CA TYR B 933 -11.69 -4.86 17.04
C TYR B 933 -12.25 -3.79 16.12
N GLY B 934 -13.21 -4.12 15.26
CA GLY B 934 -13.81 -3.15 14.37
C GLY B 934 -13.36 -3.26 12.92
N VAL B 935 -13.25 -4.49 12.40
CA VAL B 935 -12.84 -4.67 11.01
C VAL B 935 -14.04 -4.43 10.10
N THR B 936 -13.74 -4.17 8.82
CA THR B 936 -14.76 -3.95 7.81
C THR B 936 -15.13 -5.27 7.13
N TYR B 937 -16.20 -5.20 6.33
CA TYR B 937 -16.64 -6.36 5.56
C TYR B 937 -15.53 -6.85 4.64
N VAL B 938 -14.90 -5.94 3.91
CA VAL B 938 -13.84 -6.33 2.98
C VAL B 938 -12.61 -6.84 3.74
N GLY B 939 -12.31 -6.27 4.91
CA GLY B 939 -11.18 -6.76 5.69
C GLY B 939 -11.40 -8.17 6.18
N ALA B 940 -12.59 -8.45 6.72
CA ALA B 940 -12.91 -9.81 7.16
C ALA B 940 -12.91 -10.78 5.98
N THR B 941 -13.43 -10.33 4.84
CA THR B 941 -13.37 -11.14 3.62
C THR B 941 -11.94 -11.49 3.25
N PHE B 942 -11.05 -10.49 3.29
CA PHE B 942 -9.65 -10.73 2.99
C PHE B 942 -9.06 -11.76 3.93
N GLN B 943 -9.31 -11.61 5.24
CA GLN B 943 -8.73 -12.53 6.21
C GLN B 943 -9.24 -13.96 6.00
N ILE B 944 -10.56 -14.13 5.82
CA ILE B 944 -11.10 -15.48 5.71
C ILE B 944 -10.66 -16.13 4.40
N ALA B 945 -10.63 -15.34 3.31
CA ALA B 945 -10.15 -15.88 2.03
C ALA B 945 -8.69 -16.27 2.12
N LYS B 946 -7.86 -15.45 2.77
CA LYS B 946 -6.45 -15.77 2.93
C LYS B 946 -6.28 -17.06 3.73
N GLN B 947 -7.07 -17.23 4.80
CA GLN B 947 -6.88 -18.41 5.63
C GLN B 947 -7.39 -19.67 4.97
N LEU B 948 -8.50 -19.60 4.23
CA LEU B 948 -9.06 -20.79 3.60
C LEU B 948 -8.48 -21.08 2.23
N SER B 949 -7.71 -20.16 1.64
CA SER B 949 -7.18 -20.41 0.30
C SER B 949 -6.27 -21.63 0.22
N PRO B 950 -5.36 -21.90 1.16
CA PRO B 950 -4.57 -23.14 1.04
C PRO B 950 -5.41 -24.40 1.07
N ILE B 951 -6.56 -24.38 1.77
CA ILE B 951 -7.44 -25.55 1.81
C ILE B 951 -7.94 -25.88 0.41
N PHE B 952 -8.31 -24.85 -0.36
CA PHE B 952 -8.70 -24.99 -1.76
C PHE B 952 -9.97 -25.84 -1.91
N ASP B 953 -10.77 -25.95 -0.84
CA ASP B 953 -12.02 -26.69 -0.93
C ASP B 953 -12.97 -26.03 -1.91
N ASP B 954 -13.04 -24.70 -1.91
CA ASP B 954 -13.80 -23.97 -2.91
C ASP B 954 -12.87 -23.63 -4.08
N ARG B 955 -13.34 -22.75 -4.97
CA ARG B 955 -12.52 -22.33 -6.10
C ARG B 955 -11.44 -21.37 -5.63
N LYS B 956 -10.51 -21.06 -6.54
CA LYS B 956 -9.46 -20.09 -6.23
C LYS B 956 -10.04 -18.72 -5.94
N GLU B 957 -11.02 -18.30 -6.74
CA GLU B 957 -11.73 -17.04 -6.49
C GLU B 957 -12.85 -17.29 -5.48
N SER B 958 -12.44 -17.39 -4.22
CA SER B 958 -13.36 -17.64 -3.10
C SER B 958 -13.87 -16.36 -2.47
N LEU B 959 -13.55 -15.20 -3.06
CA LEU B 959 -14.04 -13.94 -2.51
C LEU B 959 -15.56 -13.87 -2.52
N ASP B 960 -16.18 -14.33 -3.61
CA ASP B 960 -17.64 -14.35 -3.68
C ASP B 960 -18.22 -15.21 -2.57
N PHE B 961 -17.65 -16.39 -2.34
CA PHE B 961 -18.12 -17.26 -1.27
C PHE B 961 -17.86 -16.65 0.10
N SER B 962 -16.65 -16.14 0.30
CA SER B 962 -16.30 -15.54 1.57
C SER B 962 -17.15 -14.32 1.90
N LYS B 963 -17.79 -13.74 0.87
CA LYS B 963 -18.71 -12.61 1.13
C LYS B 963 -19.87 -13.14 1.96
N TYR B 964 -20.49 -14.24 1.53
CA TYR B 964 -21.61 -14.82 2.25
C TYR B 964 -21.16 -15.40 3.59
N LEU B 965 -19.97 -15.99 3.62
CA LEU B 965 -19.45 -16.48 4.90
C LEU B 965 -19.30 -15.35 5.92
N THR B 966 -18.72 -14.22 5.49
CA THR B 966 -18.60 -13.07 6.39
C THR B 966 -19.96 -12.53 6.78
N LYS B 967 -20.92 -12.54 5.86
CA LYS B 967 -22.27 -12.13 6.20
C LYS B 967 -22.84 -12.97 7.33
N HIS B 968 -22.67 -14.30 7.23
CA HIS B 968 -23.14 -15.18 8.29
C HIS B 968 -22.41 -14.92 9.60
N VAL B 969 -21.10 -14.70 9.53
CA VAL B 969 -20.33 -14.45 10.74
C VAL B 969 -20.81 -13.19 11.44
N PHE B 970 -21.02 -12.11 10.67
CA PHE B 970 -21.52 -10.87 11.26
C PHE B 970 -22.93 -11.06 11.81
N SER B 971 -23.78 -11.81 11.12
CA SER B 971 -25.13 -12.06 11.61
C SER B 971 -25.10 -12.76 12.95
N ALA B 972 -24.17 -13.71 13.13
CA ALA B 972 -24.03 -14.38 14.41
C ALA B 972 -23.48 -13.44 15.49
N ILE B 973 -22.45 -12.66 15.14
CA ILE B 973 -21.78 -11.82 16.13
C ILE B 973 -22.70 -10.70 16.62
N ARG B 974 -23.56 -10.16 15.75
CA ARG B 974 -24.49 -9.12 16.18
C ARG B 974 -25.34 -9.58 17.34
N GLU B 975 -25.83 -10.82 17.28
CA GLU B 975 -26.59 -11.36 18.40
C GLU B 975 -25.69 -11.78 19.56
N LEU B 976 -24.46 -12.23 19.26
CA LEU B 976 -23.59 -12.74 20.32
C LEU B 976 -23.12 -11.64 21.25
N PHE B 977 -22.63 -10.52 20.71
CA PHE B 977 -21.98 -9.48 21.49
C PHE B 977 -22.79 -8.19 21.45
N HIS B 978 -23.04 -7.62 22.63
CA HIS B 978 -23.74 -6.34 22.74
C HIS B 978 -23.02 -5.30 23.58
N SER B 979 -22.40 -5.71 24.69
CA SER B 979 -21.75 -4.74 25.57
C SER B 979 -20.52 -4.13 24.90
N ALA B 980 -19.71 -4.97 24.25
CA ALA B 980 -18.56 -4.47 23.51
C ALA B 980 -18.99 -3.55 22.39
N HIS B 981 -20.08 -3.90 21.70
CA HIS B 981 -20.60 -3.07 20.62
C HIS B 981 -21.02 -1.70 21.16
N LEU B 982 -21.69 -1.68 22.31
CA LEU B 982 -22.08 -0.41 22.92
C LEU B 982 -20.87 0.42 23.32
N ILE B 983 -19.85 -0.22 23.89
CA ILE B 983 -18.66 0.51 24.32
C ILE B 983 -17.95 1.12 23.11
N GLN B 984 -17.75 0.32 22.06
CA GLN B 984 -17.07 0.85 20.88
C GLN B 984 -17.92 1.92 20.18
N ASP B 985 -19.24 1.83 20.28
CA ASP B 985 -20.08 2.90 19.76
C ASP B 985 -19.91 4.20 20.55
N TRP B 986 -19.79 4.10 21.87
CA TRP B 986 -19.53 5.30 22.65
C TRP B 986 -18.18 5.91 22.27
N LEU B 987 -17.18 5.06 22.08
CA LEU B 987 -15.88 5.56 21.61
C LEU B 987 -16.00 6.24 20.25
N GLY B 988 -16.78 5.65 19.34
CA GLY B 988 -16.95 6.25 18.03
C GLY B 988 -17.66 7.58 18.07
N GLU B 989 -18.72 7.68 18.88
CA GLU B 989 -19.40 8.95 19.03
C GLU B 989 -18.48 10.01 19.61
N SER B 990 -17.67 9.64 20.62
CA SER B 990 -16.71 10.57 21.17
C SER B 990 -15.70 11.00 20.11
N ALA B 991 -15.26 10.06 19.27
CA ALA B 991 -14.32 10.38 18.21
C ALA B 991 -14.92 11.39 17.23
N LYS B 992 -16.17 11.18 16.84
CA LYS B 992 -16.85 12.13 15.96
C LYS B 992 -16.92 13.51 16.59
N ARG B 993 -17.32 13.57 17.87
CA ARG B 993 -17.45 14.86 18.53
C ARG B 993 -16.11 15.57 18.64
N ILE B 994 -15.05 14.83 18.97
CA ILE B 994 -13.74 15.46 19.11
C ILE B 994 -13.21 15.92 17.75
N SER B 995 -13.46 15.14 16.70
CA SER B 995 -12.95 15.48 15.38
C SER B 995 -13.67 16.70 14.82
N LYS B 996 -14.99 16.76 14.98
CA LYS B 996 -15.79 17.87 14.47
C LYS B 996 -15.93 18.96 15.52
N SER B 997 -14.79 19.43 16.02
CA SER B 997 -14.76 20.46 17.05
C SER B 997 -13.68 21.48 16.73
N ILE B 998 -13.89 22.71 17.20
CA ILE B 998 -12.95 23.80 17.00
C ILE B 998 -12.65 24.44 18.36
N ARG B 999 -11.38 24.60 18.67
CA ARG B 999 -11.00 25.31 19.88
C ARG B 999 -11.29 26.80 19.71
N LEU B 1000 -11.43 27.49 20.84
CA LEU B 1000 -11.72 28.92 20.85
C LEU B 1000 -10.46 29.79 20.83
N ASP B 1001 -9.28 29.19 20.84
CA ASP B 1001 -8.02 29.92 20.81
C ASP B 1001 -7.32 29.82 19.46
N VAL B 1002 -8.07 29.55 18.39
CA VAL B 1002 -7.47 29.36 17.08
C VAL B 1002 -6.86 30.65 16.56
N ASP B 1003 -7.55 31.78 16.74
CA ASP B 1003 -7.11 33.04 16.16
C ASP B 1003 -7.87 34.17 16.83
N GLU B 1004 -7.74 35.38 16.27
CA GLU B 1004 -8.53 36.51 16.71
C GLU B 1004 -9.79 36.67 15.87
N LYS B 1005 -9.64 36.77 14.55
CA LYS B 1005 -10.78 36.93 13.66
C LYS B 1005 -11.24 35.60 13.07
N SER B 1006 -10.40 34.94 12.27
CA SER B 1006 -10.74 33.70 11.59
C SER B 1006 -9.54 33.21 10.80
N PHE B 1007 -9.58 31.95 10.39
CA PHE B 1007 -8.67 31.46 9.37
C PHE B 1007 -9.05 31.96 7.98
N LYS B 1008 -10.35 32.14 7.74
CA LYS B 1008 -10.92 32.64 6.49
C LYS B 1008 -10.66 31.72 5.30
N ASN B 1009 -10.10 30.53 5.53
CA ASN B 1009 -9.88 29.56 4.47
C ASN B 1009 -11.18 28.79 4.24
N GLY B 1010 -12.04 29.40 3.43
CA GLY B 1010 -13.35 28.83 3.17
C GLY B 1010 -14.33 29.17 4.27
N ASN B 1011 -15.54 28.65 4.12
CA ASN B 1011 -16.59 28.87 5.12
C ASN B 1011 -16.21 28.26 6.45
N LYS B 1012 -15.65 27.05 6.43
CA LYS B 1012 -15.34 26.30 7.64
C LYS B 1012 -13.85 26.32 7.93
N PRO B 1013 -13.45 26.80 9.10
CA PRO B 1013 -12.04 26.68 9.50
C PRO B 1013 -11.64 25.21 9.59
N ASP B 1014 -10.36 24.96 9.30
CA ASP B 1014 -9.87 23.59 9.26
C ASP B 1014 -9.90 22.96 10.65
N PHE B 1015 -10.04 21.64 10.67
CA PHE B 1015 -10.14 20.87 11.90
C PHE B 1015 -8.76 20.32 12.26
N MET B 1016 -8.27 20.68 13.44
CA MET B 1016 -6.95 20.24 13.91
C MET B 1016 -7.03 19.52 15.25
N SER B 1017 -8.17 18.91 15.56
CA SER B 1017 -8.38 18.26 16.84
C SER B 1017 -8.22 16.76 16.68
N SER B 1018 -7.31 16.17 17.46
CA SER B 1018 -7.07 14.74 17.45
C SER B 1018 -7.37 14.16 18.82
N VAL B 1019 -7.80 12.90 18.83
CA VAL B 1019 -8.18 12.22 20.07
C VAL B 1019 -6.92 11.92 20.87
N ILE B 1020 -6.90 12.37 22.13
CA ILE B 1020 -5.75 12.19 23.00
C ILE B 1020 -6.26 11.85 24.40
N TRP B 1021 -5.58 10.92 25.06
CA TRP B 1021 -5.81 10.65 26.48
C TRP B 1021 -4.54 10.03 27.05
N THR B 1022 -4.62 9.55 28.29
CA THR B 1022 -3.47 9.07 29.03
C THR B 1022 -3.67 7.63 29.46
N THR B 1023 -2.64 6.80 29.24
CA THR B 1023 -2.69 5.42 29.66
C THR B 1023 -2.59 5.32 31.19
N PRO B 1024 -3.08 4.22 31.77
CA PRO B 1024 -3.01 4.07 33.23
C PRO B 1024 -1.59 4.11 33.79
N LEU B 1025 -0.56 4.00 32.95
CA LEU B 1025 0.82 4.18 33.39
C LEU B 1025 1.36 5.55 33.06
N GLY B 1026 0.51 6.49 32.66
CA GLY B 1026 0.93 7.86 32.45
C GLY B 1026 1.43 8.19 31.06
N LEU B 1027 1.51 7.21 30.16
CA LEU B 1027 1.99 7.49 28.82
C LEU B 1027 0.93 8.22 28.02
N PRO B 1028 1.28 9.28 27.28
CA PRO B 1028 0.28 9.97 26.46
C PRO B 1028 0.13 9.36 25.08
N ILE B 1029 -1.09 8.96 24.74
CA ILE B 1029 -1.42 8.40 23.43
C ILE B 1029 -2.08 9.46 22.59
N VAL B 1030 -1.59 9.63 21.35
CA VAL B 1030 -2.11 10.62 20.41
C VAL B 1030 -2.30 9.93 19.07
N GLN B 1031 -3.49 10.08 18.50
CA GLN B 1031 -3.74 9.54 17.17
C GLN B 1031 -2.96 10.35 16.14
N PRO B 1032 -2.09 9.72 15.33
CA PRO B 1032 -1.29 10.49 14.37
C PRO B 1032 -2.02 10.79 13.07
N TYR B 1033 -3.22 10.24 12.87
CA TYR B 1033 -3.90 10.34 11.59
C TYR B 1033 -4.12 11.80 11.20
N ARG B 1034 -3.69 12.14 9.99
CA ARG B 1034 -3.84 13.49 9.44
C ARG B 1034 -3.86 13.40 7.93
N GLU B 1035 -4.13 14.53 7.29
CA GLU B 1035 -4.12 14.60 5.84
C GLU B 1035 -2.72 14.91 5.34
N GLU B 1036 -2.40 14.40 4.15
CA GLU B 1036 -1.10 14.60 3.54
C GLU B 1036 -1.26 15.41 2.26
N SER B 1037 -0.43 16.44 2.10
CA SER B 1037 -0.42 17.29 0.92
C SER B 1037 0.88 17.05 0.17
N LYS B 1038 0.78 16.40 -0.99
CA LYS B 1038 1.94 16.02 -1.79
C LYS B 1038 2.10 16.98 -2.95
N LYS B 1039 3.29 17.56 -3.07
CA LYS B 1039 3.59 18.53 -4.13
C LYS B 1039 4.77 18.04 -4.96
N GLN B 1040 4.74 18.37 -6.24
CA GLN B 1040 5.80 17.96 -7.15
C GLN B 1040 7.06 18.76 -6.85
N VAL B 1041 8.06 18.10 -6.29
CA VAL B 1041 9.33 18.72 -5.91
C VAL B 1041 10.35 18.40 -6.99
N GLU B 1042 10.87 19.43 -7.65
CA GLU B 1042 11.81 19.21 -8.73
C GLU B 1042 13.17 18.76 -8.19
N THR B 1043 13.77 17.79 -8.88
CA THR B 1043 15.10 17.30 -8.55
C THR B 1043 15.90 17.16 -9.84
N ASN B 1044 17.14 16.68 -9.72
CA ASN B 1044 17.99 16.54 -10.89
C ASN B 1044 17.46 15.48 -11.84
N LEU B 1045 17.16 14.29 -11.33
CA LEU B 1045 16.65 13.22 -12.18
C LEU B 1045 15.26 13.56 -12.71
N GLN B 1046 14.38 14.04 -11.84
CA GLN B 1046 12.98 14.23 -12.19
C GLN B 1046 12.32 15.03 -11.07
N THR B 1047 11.01 15.24 -11.20
CA THR B 1047 10.22 15.94 -10.19
C THR B 1047 9.44 14.89 -9.40
N VAL B 1048 9.90 14.60 -8.19
CA VAL B 1048 9.29 13.59 -7.33
C VAL B 1048 7.94 14.07 -6.83
N PHE B 1049 7.16 13.17 -6.25
CA PHE B 1049 5.83 13.48 -5.73
C PHE B 1049 5.82 13.12 -4.25
N ILE B 1050 6.23 14.08 -3.41
CA ILE B 1050 6.38 13.86 -1.99
C ILE B 1050 5.57 14.91 -1.23
N SER B 1051 5.33 14.63 0.05
CA SER B 1051 4.61 15.52 0.95
C SER B 1051 5.59 16.19 1.89
N ASP B 1052 5.04 16.94 2.84
CA ASP B 1052 5.84 17.60 3.89
C ASP B 1052 5.22 17.28 5.25
N PRO B 1053 5.79 16.33 6.00
CA PRO B 1053 5.19 15.96 7.30
C PRO B 1053 5.27 17.07 8.33
N PHE B 1054 6.18 18.04 8.17
CA PHE B 1054 6.32 19.12 9.14
C PHE B 1054 5.26 20.19 8.98
N ALA B 1055 4.55 20.21 7.85
CA ALA B 1055 3.46 21.16 7.67
C ALA B 1055 2.25 20.74 8.48
N VAL B 1056 1.52 21.72 9.01
CA VAL B 1056 0.33 21.45 9.80
C VAL B 1056 -0.84 21.22 8.86
N ASN B 1057 -1.50 20.07 9.02
CA ASN B 1057 -2.55 19.61 8.13
C ASN B 1057 -3.78 19.22 8.94
N PRO B 1058 -4.95 19.17 8.31
CA PRO B 1058 -6.17 18.76 9.04
C PRO B 1058 -6.11 17.32 9.52
N VAL B 1059 -7.16 16.88 10.21
CA VAL B 1059 -7.22 15.55 10.81
C VAL B 1059 -8.22 14.70 10.04
N ASN B 1060 -7.79 13.47 9.71
CA ASN B 1060 -8.63 12.53 8.97
C ASN B 1060 -9.68 11.98 9.92
N ALA B 1061 -10.92 12.47 9.79
CA ALA B 1061 -11.98 12.07 10.70
C ALA B 1061 -12.29 10.59 10.59
N ARG B 1062 -12.30 10.05 9.37
CA ARG B 1062 -12.57 8.63 9.19
C ARG B 1062 -11.50 7.79 9.89
N ARG B 1063 -10.24 8.18 9.76
CA ARG B 1063 -9.17 7.44 10.42
C ARG B 1063 -9.23 7.59 11.94
N GLN B 1064 -9.61 8.76 12.45
CA GLN B 1064 -9.78 8.91 13.89
C GLN B 1064 -10.87 7.98 14.41
N LYS B 1065 -12.00 7.93 13.71
CA LYS B 1065 -13.08 7.03 14.09
C LYS B 1065 -12.64 5.58 14.05
N ALA B 1066 -11.93 5.19 12.99
CA ALA B 1066 -11.54 3.79 12.85
C ALA B 1066 -10.43 3.41 13.83
N GLY B 1067 -9.66 4.39 14.29
CA GLY B 1067 -8.49 4.10 15.11
C GLY B 1067 -8.68 4.22 16.60
N LEU B 1068 -9.61 5.06 17.06
CA LEU B 1068 -9.76 5.26 18.50
C LEU B 1068 -10.07 3.98 19.27
N PRO B 1069 -11.05 3.17 18.90
CA PRO B 1069 -11.36 1.98 19.71
C PRO B 1069 -10.19 1.01 19.79
N PRO B 1070 -9.65 0.52 18.66
CA PRO B 1070 -8.54 -0.44 18.77
C PRO B 1070 -7.32 0.14 19.46
N ASN B 1071 -7.02 1.42 19.24
CA ASN B 1071 -5.89 2.04 19.92
C ASN B 1071 -6.09 2.03 21.43
N PHE B 1072 -7.30 2.38 21.88
CA PHE B 1072 -7.57 2.36 23.32
C PHE B 1072 -7.45 0.95 23.88
N ILE B 1073 -8.05 -0.03 23.19
CA ILE B 1073 -8.05 -1.40 23.69
C ILE B 1073 -6.63 -1.93 23.79
N HIS B 1074 -5.83 -1.72 22.75
CA HIS B 1074 -4.48 -2.25 22.75
C HIS B 1074 -3.56 -1.46 23.67
N SER B 1075 -3.86 -0.18 23.91
CA SER B 1075 -3.12 0.54 24.94
C SER B 1075 -3.38 -0.05 26.31
N LEU B 1076 -4.64 -0.38 26.62
CA LEU B 1076 -4.94 -1.04 27.89
C LEU B 1076 -4.24 -2.40 27.98
N ASP B 1077 -4.30 -3.16 26.88
CA ASP B 1077 -3.66 -4.48 26.86
C ASP B 1077 -2.16 -4.38 27.11
N ALA B 1078 -1.51 -3.44 26.44
CA ALA B 1078 -0.07 -3.28 26.59
C ALA B 1078 0.29 -2.72 27.96
N SER B 1079 -0.58 -1.89 28.55
CA SER B 1079 -0.33 -1.43 29.91
C SER B 1079 -0.39 -2.59 30.90
N HIS B 1080 -1.38 -3.48 30.72
CA HIS B 1080 -1.45 -4.67 31.57
C HIS B 1080 -0.21 -5.54 31.38
N MET B 1081 0.23 -5.71 30.14
CA MET B 1081 1.44 -6.47 29.89
C MET B 1081 2.66 -5.84 30.55
N LEU B 1082 2.76 -4.50 30.48
CA LEU B 1082 3.90 -3.81 31.09
C LEU B 1082 3.90 -3.96 32.60
N LEU B 1083 2.74 -3.83 33.23
CA LEU B 1083 2.66 -4.01 34.69
C LEU B 1083 3.01 -5.44 35.08
N SER B 1084 2.50 -6.42 34.34
CA SER B 1084 2.81 -7.81 34.61
C SER B 1084 4.31 -8.07 34.47
N ALA B 1085 4.92 -7.53 33.41
CA ALA B 1085 6.34 -7.69 33.20
C ALA B 1085 7.13 -7.05 34.34
N ALA B 1086 6.74 -5.86 34.78
CA ALA B 1086 7.45 -5.20 35.86
C ALA B 1086 7.40 -6.02 37.14
N GLU B 1087 6.21 -6.53 37.49
CA GLU B 1087 6.11 -7.32 38.70
C GLU B 1087 6.89 -8.64 38.59
N CYS B 1088 6.83 -9.30 37.45
CA CYS B 1088 7.60 -10.52 37.26
C CYS B 1088 9.10 -10.26 37.36
N GLY B 1089 9.56 -9.17 36.75
CA GLY B 1089 10.97 -8.83 36.86
C GLY B 1089 11.38 -8.51 38.27
N LYS B 1090 10.49 -7.89 39.05
CA LYS B 1090 10.75 -7.69 40.46
C LYS B 1090 10.88 -9.03 41.19
N GLN B 1091 10.00 -9.97 40.87
CA GLN B 1091 10.08 -11.30 41.47
C GLN B 1091 11.28 -12.09 40.99
N GLY B 1092 11.93 -11.68 39.91
CA GLY B 1092 13.15 -12.30 39.45
C GLY B 1092 13.01 -13.27 38.29
N LEU B 1093 11.83 -13.37 37.69
CA LEU B 1093 11.64 -14.29 36.58
C LEU B 1093 12.32 -13.77 35.32
N ASP B 1094 12.46 -14.67 34.34
CA ASP B 1094 12.88 -14.29 32.99
C ASP B 1094 11.62 -14.07 32.17
N PHE B 1095 11.40 -12.83 31.74
CA PHE B 1095 10.16 -12.44 31.10
C PHE B 1095 10.43 -11.78 29.75
N ALA B 1096 9.79 -12.28 28.71
CA ALA B 1096 9.67 -11.61 27.43
C ALA B 1096 8.31 -11.97 26.86
N SER B 1097 7.77 -11.10 26.02
CA SER B 1097 6.41 -11.29 25.54
C SER B 1097 6.25 -10.75 24.13
N VAL B 1098 5.32 -11.34 23.39
CA VAL B 1098 4.85 -10.81 22.12
C VAL B 1098 3.36 -10.50 22.30
N HIS B 1099 3.08 -9.26 22.71
CA HIS B 1099 1.72 -8.74 22.84
C HIS B 1099 0.88 -9.55 23.82
N ASP B 1100 -0.01 -10.40 23.29
CA ASP B 1100 -0.95 -11.10 24.16
C ASP B 1100 -0.31 -12.27 24.90
N SER B 1101 0.65 -12.94 24.27
CA SER B 1101 1.25 -14.12 24.88
C SER B 1101 2.50 -13.74 25.68
N TYR B 1102 2.72 -14.48 26.77
CA TYR B 1102 3.80 -14.21 27.71
C TYR B 1102 4.70 -15.44 27.82
N TRP B 1103 6.01 -15.21 27.89
CA TRP B 1103 7.01 -16.26 27.76
C TRP B 1103 7.81 -16.35 29.04
N THR B 1104 8.05 -17.58 29.50
CA THR B 1104 8.92 -17.84 30.65
C THR B 1104 9.19 -19.33 30.70
N HIS B 1105 10.10 -19.72 31.59
CA HIS B 1105 10.43 -21.13 31.77
C HIS B 1105 9.21 -21.89 32.29
N ALA B 1106 9.26 -23.21 32.18
CA ALA B 1106 8.17 -24.05 32.64
C ALA B 1106 8.10 -24.13 34.16
N SER B 1107 9.20 -23.84 34.86
CA SER B 1107 9.20 -23.93 36.31
C SER B 1107 8.49 -22.74 36.94
N ASP B 1108 8.61 -21.56 36.34
CA ASP B 1108 8.08 -20.33 36.89
C ASP B 1108 6.74 -19.94 36.28
N ILE B 1109 6.11 -20.84 35.52
CA ILE B 1109 4.89 -20.50 34.82
C ILE B 1109 3.74 -20.26 35.80
N ASP B 1110 3.69 -21.01 36.90
CA ASP B 1110 2.62 -20.81 37.87
C ASP B 1110 2.76 -19.48 38.59
N THR B 1111 3.97 -19.14 39.01
CA THR B 1111 4.19 -17.83 39.62
C THR B 1111 3.86 -16.71 38.65
N MET B 1112 4.25 -16.85 37.38
CA MET B 1112 3.92 -15.84 36.39
C MET B 1112 2.41 -15.73 36.21
N ASN B 1113 1.71 -16.87 36.20
CA ASN B 1113 0.26 -16.84 36.04
C ASN B 1113 -0.40 -16.08 37.20
N VAL B 1114 0.06 -16.34 38.43
CA VAL B 1114 -0.48 -15.64 39.58
C VAL B 1114 -0.19 -14.14 39.47
N VAL B 1115 1.04 -13.79 39.09
CA VAL B 1115 1.41 -12.39 38.92
C VAL B 1115 0.51 -11.71 37.91
N LEU B 1116 0.23 -12.37 36.79
CA LEU B 1116 -0.55 -11.75 35.73
C LEU B 1116 -2.01 -11.61 36.12
N ARG B 1117 -2.57 -12.59 36.82
CA ARG B 1117 -3.93 -12.42 37.36
C ARG B 1117 -3.98 -11.22 38.30
N GLU B 1118 -3.00 -11.12 39.21
CA GLU B 1118 -2.99 -10.02 40.16
C GLU B 1118 -2.86 -8.67 39.46
N GLN B 1119 -1.99 -8.60 38.45
CA GLN B 1119 -1.78 -7.33 37.75
C GLN B 1119 -3.01 -6.93 36.93
N PHE B 1120 -3.68 -7.91 36.32
CA PHE B 1120 -4.93 -7.59 35.63
C PHE B 1120 -5.97 -7.05 36.60
N ILE B 1121 -6.09 -7.67 37.77
CA ILE B 1121 -7.04 -7.19 38.77
C ILE B 1121 -6.68 -5.76 39.21
N LYS B 1122 -5.39 -5.53 39.50
CA LYS B 1122 -4.95 -4.23 39.97
C LYS B 1122 -5.20 -3.16 38.93
N LEU B 1123 -4.91 -3.45 37.66
CA LEU B 1123 -5.12 -2.47 36.60
C LEU B 1123 -6.59 -2.20 36.36
N HIS B 1124 -7.45 -3.23 36.42
CA HIS B 1124 -8.83 -3.07 36.01
C HIS B 1124 -9.78 -2.82 37.18
N GLU B 1125 -9.25 -2.65 38.41
CA GLU B 1125 -10.14 -2.35 39.53
C GLU B 1125 -10.88 -1.03 39.33
N VAL B 1126 -10.29 -0.10 38.57
CA VAL B 1126 -10.89 1.21 38.37
C VAL B 1126 -11.78 1.18 37.12
N ASP B 1127 -12.79 2.04 37.10
CA ASP B 1127 -13.69 2.17 35.95
C ASP B 1127 -13.00 3.01 34.89
N LEU B 1128 -12.31 2.33 33.97
CA LEU B 1128 -11.51 3.03 32.97
C LEU B 1128 -12.36 3.81 31.99
N VAL B 1129 -13.56 3.33 31.66
CA VAL B 1129 -14.43 4.07 30.75
C VAL B 1129 -14.83 5.41 31.37
N LEU B 1130 -15.24 5.38 32.64
CA LEU B 1130 -15.59 6.62 33.32
C LEU B 1130 -14.37 7.54 33.41
N ARG B 1131 -13.23 6.99 33.81
CA ARG B 1131 -12.02 7.81 33.92
C ARG B 1131 -11.66 8.45 32.59
N LEU B 1132 -11.86 7.72 31.49
CA LEU B 1132 -11.69 8.29 30.17
C LEU B 1132 -12.67 9.43 29.93
N LYS B 1133 -13.90 9.29 30.40
CA LYS B 1133 -14.86 10.36 30.23
C LYS B 1133 -14.41 11.63 30.94
N GLU B 1134 -13.95 11.52 32.19
CA GLU B 1134 -13.44 12.73 32.84
C GLU B 1134 -12.17 13.24 32.18
N GLU B 1135 -11.33 12.35 31.64
CA GLU B 1135 -10.13 12.82 30.96
C GLU B 1135 -10.48 13.66 29.74
N PHE B 1136 -11.43 13.18 28.91
CA PHE B 1136 -11.88 13.96 27.77
C PHE B 1136 -12.56 15.25 28.22
N ASP B 1137 -13.35 15.20 29.28
CA ASP B 1137 -14.03 16.40 29.77
C ASP B 1137 -13.02 17.46 30.18
N GLN B 1138 -11.96 17.06 30.90
CA GLN B 1138 -10.97 18.02 31.34
C GLN B 1138 -10.08 18.50 30.19
N ARG B 1139 -9.79 17.64 29.22
CA ARG B 1139 -8.91 18.03 28.13
C ARG B 1139 -9.61 18.94 27.13
N TYR B 1140 -10.90 18.71 26.88
CA TYR B 1140 -11.64 19.39 25.82
C TYR B 1140 -12.84 20.14 26.39
N LYS B 1141 -12.65 20.86 27.49
CA LYS B 1141 -13.76 21.58 28.10
C LYS B 1141 -14.14 22.81 27.28
N ASN B 1142 -13.16 23.52 26.72
CA ASN B 1142 -13.40 24.74 25.97
C ASN B 1142 -13.42 24.46 24.46
N TYR B 1143 -14.41 23.67 24.04
CA TYR B 1143 -14.55 23.29 22.65
C TYR B 1143 -16.00 23.51 22.21
N VAL B 1144 -16.16 23.85 20.94
CA VAL B 1144 -17.48 24.09 20.35
C VAL B 1144 -17.58 23.28 19.07
N LYS B 1145 -18.74 22.63 18.87
CA LYS B 1145 -18.97 21.85 17.67
C LYS B 1145 -19.46 22.76 16.54
N ILE B 1146 -19.83 22.15 15.43
CA ILE B 1146 -20.44 22.84 14.31
C ILE B 1146 -21.58 21.98 13.78
N GLY B 1147 -22.70 22.61 13.46
CA GLY B 1147 -23.85 21.86 12.97
C GLY B 1147 -24.91 22.79 12.45
N LYS B 1148 -25.89 22.19 11.77
CA LYS B 1148 -27.01 22.93 11.20
C LYS B 1148 -28.18 22.93 12.19
N LEU B 1149 -29.06 23.92 12.01
CA LEU B 1149 -30.25 24.05 12.85
C LEU B 1149 -31.42 24.49 11.99
N LYS B 1150 -32.62 24.19 12.48
CA LYS B 1150 -33.83 24.57 11.76
C LYS B 1150 -34.00 26.09 11.74
N ARG B 1151 -34.50 26.60 10.62
CA ARG B 1151 -34.78 28.03 10.51
C ARG B 1151 -35.94 28.43 11.40
N SER B 1152 -36.91 27.53 11.59
CA SER B 1152 -38.14 27.85 12.30
C SER B 1152 -38.07 27.62 13.80
N THR B 1153 -36.97 27.08 14.32
CA THR B 1153 -36.84 26.86 15.75
C THR B 1153 -36.95 28.18 16.50
N ASP B 1154 -37.73 28.18 17.59
CA ASP B 1154 -37.92 29.40 18.36
C ASP B 1154 -36.61 29.95 18.89
N LEU B 1155 -35.72 29.07 19.37
CA LEU B 1155 -34.40 29.51 19.79
C LEU B 1155 -33.57 30.00 18.62
N ALA B 1156 -33.81 29.45 17.42
CA ALA B 1156 -33.02 29.84 16.25
C ALA B 1156 -33.21 31.31 15.92
N GLN B 1157 -34.45 31.81 15.97
CA GLN B 1157 -34.67 33.23 15.72
C GLN B 1157 -33.96 34.09 16.75
N LYS B 1158 -33.85 33.61 17.98
CA LYS B 1158 -33.03 34.31 18.97
C LYS B 1158 -31.57 34.34 18.53
N ILE B 1159 -31.08 33.21 18.00
CA ILE B 1159 -29.71 33.18 17.46
C ILE B 1159 -29.59 34.12 16.27
N ILE B 1160 -30.64 34.19 15.44
CA ILE B 1160 -30.62 35.11 14.30
C ILE B 1160 -30.49 36.55 14.79
N ARG B 1161 -31.25 36.93 15.81
CA ARG B 1161 -31.18 38.28 16.34
C ARG B 1161 -29.83 38.56 16.98
N ILE B 1162 -29.28 37.60 17.72
CA ILE B 1162 -27.96 37.78 18.32
C ILE B 1162 -26.90 37.97 17.23
N ARG B 1163 -27.04 37.24 16.12
CA ARG B 1163 -26.20 37.49 14.96
C ARG B 1163 -26.37 38.92 14.47
N LYS B 1164 -27.63 39.36 14.32
CA LYS B 1164 -27.88 40.75 13.95
C LYS B 1164 -27.38 41.70 15.03
N ASP B 1165 -27.56 41.34 16.31
CA ASP B 1165 -27.04 42.15 17.40
C ASP B 1165 -25.51 42.21 17.35
N LEU B 1166 -24.86 41.09 17.06
CA LEU B 1166 -23.40 41.07 17.01
C LEU B 1166 -22.89 41.92 15.85
N SER B 1167 -23.62 41.96 14.74
CA SER B 1167 -23.15 42.70 13.57
C SER B 1167 -23.01 44.19 13.87
N ARG B 1168 -23.99 44.78 14.56
CA ARG B 1168 -23.89 46.20 14.91
C ARG B 1168 -22.87 46.44 16.01
N LYS B 1169 -22.68 45.47 16.92
CA LYS B 1169 -21.67 45.63 17.96
C LYS B 1169 -20.27 45.54 17.38
N LEU B 1170 -20.02 44.56 16.50
CA LEU B 1170 -18.72 44.45 15.86
C LEU B 1170 -18.50 45.58 14.86
N GLY B 1171 -19.57 46.10 14.26
CA GLY B 1171 -19.46 47.11 13.23
C GLY B 1171 -19.37 46.58 11.82
N ARG B 1172 -19.31 45.25 11.64
CA ARG B 1172 -19.25 44.64 10.32
C ARG B 1172 -20.20 43.45 10.30
N SER B 1173 -20.14 42.68 9.22
CA SER B 1173 -21.03 41.52 9.09
C SER B 1173 -20.65 40.46 10.11
N THR B 1174 -21.67 39.86 10.72
CA THR B 1174 -21.48 38.83 11.73
C THR B 1174 -21.09 37.50 11.08
N THR B 1175 -20.21 36.77 11.75
CA THR B 1175 -19.80 35.45 11.29
C THR B 1175 -19.73 34.50 12.48
N LEU B 1176 -19.72 33.20 12.16
CA LEU B 1176 -19.47 32.20 13.20
C LEU B 1176 -18.10 32.41 13.84
N ALA B 1177 -17.13 32.90 13.07
CA ALA B 1177 -15.82 33.21 13.62
C ALA B 1177 -15.88 34.39 14.58
N ASP B 1178 -16.70 35.40 14.27
CA ASP B 1178 -16.91 36.49 15.21
C ASP B 1178 -17.59 35.98 16.48
N GLU B 1179 -18.52 35.05 16.33
CA GLU B 1179 -19.14 34.41 17.49
C GLU B 1179 -18.09 33.69 18.33
N ILE B 1180 -17.17 32.99 17.68
CA ILE B 1180 -16.10 32.27 18.38
C ILE B 1180 -15.23 33.25 19.14
N TYR B 1181 -14.86 34.37 18.50
CA TYR B 1181 -14.03 35.36 19.17
C TYR B 1181 -14.74 35.97 20.37
N PHE B 1182 -16.05 36.26 20.22
CA PHE B 1182 -16.81 36.80 21.34
C PHE B 1182 -16.91 35.81 22.49
N GLU B 1183 -17.07 34.52 22.18
CA GLU B 1183 -17.06 33.50 23.23
C GLU B 1183 -15.69 33.41 23.90
N LYS B 1184 -14.62 33.51 23.11
CA LYS B 1184 -13.28 33.43 23.66
C LYS B 1184 -12.98 34.58 24.60
N LYS B 1185 -13.31 35.82 24.19
CA LYS B 1185 -13.04 36.96 25.06
C LYS B 1185 -13.89 36.90 26.32
N ARG B 1186 -15.09 36.31 26.26
CA ARG B 1186 -15.90 36.16 27.45
C ARG B 1186 -15.26 35.21 28.44
N GLN B 1187 -14.68 34.11 27.96
CA GLN B 1187 -13.94 33.22 28.85
C GLN B 1187 -12.68 33.90 29.38
N GLU B 1188 -12.06 34.76 28.58
CA GLU B 1188 -10.94 35.54 29.07
C GLU B 1188 -11.36 36.50 30.18
N LEU B 1189 -12.58 37.02 30.08
CA LEU B 1189 -13.10 37.88 31.14
C LEU B 1189 -13.23 37.10 32.46
N LEU B 1190 -13.69 35.85 32.38
CA LEU B 1190 -13.77 35.02 33.58
C LEU B 1190 -12.40 34.73 34.16
N ASN B 1191 -11.35 34.75 33.31
CA ASN B 1191 -9.99 34.54 33.80
C ASN B 1191 -9.49 35.71 34.63
N SER B 1192 -10.08 36.89 34.46
CA SER B 1192 -9.68 38.05 35.25
C SER B 1192 -10.05 37.85 36.71
N PRO B 1193 -9.10 37.93 37.64
CA PRO B 1193 -9.44 37.72 39.06
C PRO B 1193 -10.41 38.73 39.63
N LEU B 1194 -10.56 39.88 38.99
CA LEU B 1194 -11.49 40.90 39.48
C LEU B 1194 -12.92 40.38 39.46
N ILE B 1195 -13.58 40.41 40.60
CA ILE B 1195 -14.95 39.92 40.69
C ILE B 1195 -15.89 40.80 39.89
N GLU B 1196 -15.63 42.11 39.86
CA GLU B 1196 -16.48 43.02 39.11
C GLU B 1196 -16.47 42.69 37.62
N ASP B 1197 -15.29 42.39 37.07
CA ASP B 1197 -15.23 42.01 35.66
C ASP B 1197 -15.91 40.67 35.41
N ARG B 1198 -15.90 39.77 36.40
CA ARG B 1198 -16.53 38.47 36.22
C ARG B 1198 -18.04 38.60 36.06
N ASN B 1199 -18.70 39.34 36.96
CA ASN B 1199 -20.14 39.54 36.86
C ASN B 1199 -20.50 40.28 35.59
N VAL B 1200 -19.73 41.30 35.23
CA VAL B 1200 -19.93 41.96 33.94
C VAL B 1200 -19.66 40.99 32.79
N GLY B 1201 -18.61 40.19 32.93
CA GLY B 1201 -18.37 39.14 31.94
C GLY B 1201 -19.51 38.14 31.88
N GLU B 1202 -20.06 37.77 33.03
CA GLU B 1202 -21.25 36.92 33.05
C GLU B 1202 -22.45 37.65 32.46
N LYS B 1203 -22.51 38.98 32.61
CA LYS B 1203 -23.61 39.74 32.03
C LYS B 1203 -23.56 39.72 30.51
N MET B 1204 -22.37 39.66 29.93
CA MET B 1204 -22.24 39.61 28.48
C MET B 1204 -22.85 38.32 27.94
N VAL B 1205 -23.50 38.44 26.76
CA VAL B 1205 -24.19 37.33 26.14
C VAL B 1205 -23.52 37.03 24.81
N THR B 1206 -23.22 35.75 24.57
CA THR B 1206 -22.62 35.29 23.33
C THR B 1206 -23.48 34.15 22.77
N THR B 1207 -23.38 33.94 21.46
CA THR B 1207 -24.17 32.91 20.80
C THR B 1207 -23.97 31.55 21.46
N VAL B 1208 -22.70 31.14 21.62
CA VAL B 1208 -22.41 29.89 22.30
C VAL B 1208 -22.82 29.98 23.77
N SER B 1209 -22.65 31.16 24.38
CA SER B 1209 -23.04 31.33 25.78
C SER B 1209 -24.53 31.12 25.96
N LEU B 1210 -25.34 31.44 24.95
CA LEU B 1210 -26.75 31.08 25.00
C LEU B 1210 -26.93 29.57 24.99
N PHE B 1211 -26.14 28.87 24.17
CA PHE B 1211 -26.27 27.42 24.08
C PHE B 1211 -25.87 26.74 25.38
N GLU B 1212 -24.78 27.19 26.01
CA GLU B 1212 -24.33 26.54 27.24
C GLU B 1212 -25.34 26.71 28.36
N ASP B 1213 -26.09 27.81 28.37
CA ASP B 1213 -27.21 27.95 29.29
C ASP B 1213 -28.34 26.99 28.92
N ILE B 1214 -28.56 26.78 27.63
CA ILE B 1214 -29.60 25.87 27.18
C ILE B 1214 -29.17 24.42 27.45
N THR B 1215 -30.15 23.52 27.53
CA THR B 1215 -29.88 22.11 27.77
C THR B 1215 -30.76 21.19 26.93
N ASP B 1216 -31.48 21.72 25.95
CA ASP B 1216 -32.39 20.89 25.15
C ASP B 1216 -32.31 21.14 23.65
N LEU B 1217 -31.52 22.11 23.18
CA LEU B 1217 -31.45 22.37 21.75
C LEU B 1217 -30.83 21.19 20.99
N ASP B 1218 -29.79 20.56 21.56
CA ASP B 1218 -29.15 19.44 20.88
C ASP B 1218 -30.10 18.26 20.74
N ALA B 1219 -30.88 17.97 21.79
CA ALA B 1219 -31.85 16.87 21.71
C ALA B 1219 -32.96 17.20 20.72
N LEU B 1220 -33.36 18.46 20.65
CA LEU B 1220 -34.40 18.85 19.71
C LEU B 1220 -33.96 18.64 18.26
N GLU B 1221 -32.70 18.92 17.97
CA GLU B 1221 -32.16 18.74 16.62
C GLU B 1221 -32.11 17.27 16.24
N GLY B 1231 -31.74 25.38 6.33
CA GLY B 1231 -31.38 25.60 7.72
C GLY B 1231 -30.32 26.66 7.90
N MET B 1232 -29.72 26.71 9.09
CA MET B 1232 -28.66 27.66 9.38
C MET B 1232 -27.58 26.98 10.22
N SER B 1233 -26.35 27.44 10.04
CA SER B 1233 -25.22 26.90 10.80
C SER B 1233 -25.21 27.48 12.21
N VAL B 1234 -25.03 26.62 13.20
CA VAL B 1234 -25.02 27.03 14.60
C VAL B 1234 -23.81 26.42 15.29
N LEU B 1235 -23.48 26.97 16.45
CA LEU B 1235 -22.35 26.54 17.25
C LEU B 1235 -22.87 25.85 18.50
N LEU B 1236 -22.50 24.57 18.67
CA LEU B 1236 -22.92 23.77 19.80
C LEU B 1236 -21.74 23.45 20.70
N PRO B 1237 -21.90 23.54 22.02
CA PRO B 1237 -20.81 23.17 22.92
C PRO B 1237 -20.52 21.68 22.84
N LEU B 1238 -19.27 21.33 23.15
CA LEU B 1238 -18.81 19.95 23.05
C LEU B 1238 -19.34 19.16 24.23
N ARG B 1239 -20.41 18.38 24.00
CA ARG B 1239 -21.04 17.57 25.03
C ARG B 1239 -20.86 16.10 24.65
N LEU B 1240 -19.92 15.43 25.32
CA LEU B 1240 -19.70 14.02 25.07
C LEU B 1240 -20.85 13.20 25.66
N PRO B 1241 -21.22 12.10 25.02
CA PRO B 1241 -22.37 11.32 25.48
C PRO B 1241 -22.10 10.65 26.82
N GLU B 1242 -23.20 10.28 27.48
CA GLU B 1242 -23.11 9.53 28.72
C GLU B 1242 -22.54 8.15 28.47
N ILE B 1243 -21.74 7.67 29.41
CA ILE B 1243 -21.13 6.34 29.30
C ILE B 1243 -22.25 5.30 29.32
N PRO B 1244 -22.11 4.20 28.58
CA PRO B 1244 -23.12 3.15 28.65
C PRO B 1244 -23.18 2.55 30.04
N PRO B 1245 -24.35 2.08 30.46
CA PRO B 1245 -24.47 1.52 31.80
C PRO B 1245 -23.54 0.33 32.00
N LYS B 1246 -22.96 0.25 33.20
CA LYS B 1246 -22.00 -0.80 33.53
C LYS B 1246 -22.70 -1.91 34.30
N GLY B 1247 -22.64 -3.12 33.78
CA GLY B 1247 -23.23 -4.26 34.45
C GLY B 1247 -22.49 -4.62 35.72
N ASP B 1248 -23.14 -5.43 36.54
CA ASP B 1248 -22.62 -5.84 37.84
C ASP B 1248 -21.85 -7.15 37.66
N PHE B 1249 -20.54 -7.11 37.89
CA PHE B 1249 -19.70 -8.30 37.80
C PHE B 1249 -18.41 -8.01 38.55
N ASP B 1250 -18.14 -8.82 39.57
CA ASP B 1250 -16.96 -8.61 40.40
C ASP B 1250 -15.70 -8.92 39.61
N VAL B 1251 -14.74 -7.98 39.64
CA VAL B 1251 -13.52 -8.14 38.86
C VAL B 1251 -12.67 -9.27 39.43
N THR B 1252 -12.57 -9.35 40.76
CA THR B 1252 -11.60 -10.23 41.42
C THR B 1252 -11.95 -11.71 41.26
N VAL B 1253 -13.16 -12.04 40.77
CA VAL B 1253 -13.59 -13.43 40.70
C VAL B 1253 -12.68 -14.26 39.80
N LEU B 1254 -12.00 -13.62 38.84
CA LEU B 1254 -11.12 -14.36 37.94
C LEU B 1254 -9.84 -14.83 38.60
N ARG B 1255 -9.57 -14.40 39.84
CA ARG B 1255 -8.36 -14.85 40.52
C ARG B 1255 -8.37 -16.36 40.72
N ASN B 1256 -9.55 -16.97 40.82
CA ASN B 1256 -9.67 -18.42 40.94
C ASN B 1256 -9.79 -19.12 39.59
N SER B 1257 -9.89 -18.37 38.49
CA SER B 1257 -9.96 -18.99 37.18
C SER B 1257 -8.64 -19.65 36.82
N GLN B 1258 -8.74 -20.77 36.11
CA GLN B 1258 -7.55 -21.55 35.73
C GLN B 1258 -7.15 -21.36 34.28
N TYR B 1259 -8.10 -21.23 33.37
CA TYR B 1259 -7.81 -21.14 31.94
C TYR B 1259 -7.92 -19.71 31.42
N PHE B 1260 -7.58 -18.74 32.26
CA PHE B 1260 -7.58 -17.34 31.82
C PHE B 1260 -6.42 -17.10 30.86
N PHE B 1261 -5.22 -17.56 31.22
CA PHE B 1261 -4.08 -17.64 30.31
C PHE B 1261 -3.68 -19.10 30.14
N SER B 1262 -3.91 -19.63 28.93
CA SER B 1262 -3.51 -20.99 28.61
C SER B 1262 -3.46 -21.17 27.09
#